data_3OUG
#
_entry.id   3OUG
#
_cell.length_a   79.934
_cell.length_b   80.525
_cell.length_c   85.025
_cell.angle_alpha   90.00
_cell.angle_beta   104.33
_cell.angle_gamma   90.00
#
_symmetry.space_group_name_H-M   'P 1 21 1'
#
loop_
_entity.id
_entity.type
_entity.pdbx_description
1 polymer 'Aspartate 1-decarboxylase'
2 non-polymer 'CHLORIDE ION'
3 non-polymer GLYCEROL
4 water water
#
_entity_poly.entity_id   1
_entity_poly.type   'polypeptide(L)'
_entity_poly.pdbx_seq_one_letter_code
;SNA(MSE)LISVLKSKISYATVTGKDLFYVGSITIDSEI(MSE)KQANIIENEKVQVVNLNNGERLETYVIKGEPNSKTI
ALNGPAARRCEIGDQLFIISYTQVDPTRENIKPKLVDLKTGD
;
_entity_poly.pdbx_strand_id   A,B,C,E,F,G,H,I
#
loop_
_chem_comp.id
_chem_comp.type
_chem_comp.name
_chem_comp.formula
CL non-polymer 'CHLORIDE ION' 'Cl -1'
GOL non-polymer GLYCEROL 'C3 H8 O3'
#
# COMPACT_ATOMS: atom_id res chain seq x y z
N MSE A 4 34.41 -4.91 12.64
CA MSE A 4 33.33 -5.51 11.79
C MSE A 4 32.14 -5.89 12.67
O MSE A 4 32.32 -6.46 13.76
CB MSE A 4 33.89 -6.77 11.13
CG MSE A 4 33.03 -7.38 10.08
SE MSE A 4 34.16 -8.64 9.10
CE MSE A 4 34.08 -10.13 10.36
N LEU A 5 30.93 -5.59 12.23
CA LEU A 5 29.77 -5.79 13.07
C LEU A 5 28.62 -6.39 12.28
N ILE A 6 27.78 -7.15 12.98
CA ILE A 6 26.54 -7.68 12.41
C ILE A 6 25.39 -7.41 13.37
N SER A 7 24.17 -7.35 12.84
CA SER A 7 23.00 -7.14 13.65
C SER A 7 22.37 -8.47 14.00
N VAL A 8 22.05 -8.62 15.27
CA VAL A 8 21.44 -9.84 15.79
C VAL A 8 20.34 -9.49 16.78
N LEU A 9 19.41 -10.43 16.98
CA LEU A 9 18.36 -10.27 17.95
C LEU A 9 18.88 -10.12 19.34
N LYS A 10 18.41 -9.09 20.05
CA LYS A 10 18.76 -8.89 21.45
C LYS A 10 17.62 -9.25 22.40
N SER A 11 16.38 -8.84 22.04
CA SER A 11 15.24 -8.97 22.90
C SER A 11 13.99 -9.13 22.03
N LYS A 12 13.04 -9.92 22.51
CA LYS A 12 11.73 -9.98 21.84
C LYS A 12 10.63 -10.13 22.85
N ILE A 13 9.59 -9.30 22.72
CA ILE A 13 8.37 -9.43 23.48
C ILE A 13 7.32 -9.95 22.51
N SER A 14 6.71 -11.08 22.83
CA SER A 14 5.70 -11.67 21.97
C SER A 14 4.29 -11.59 22.57
N TYR A 15 3.31 -11.24 21.74
CA TYR A 15 1.88 -11.28 22.09
C TYR A 15 1.51 -10.17 23.07
N ALA A 16 2.05 -9.00 22.78
CA ALA A 16 1.74 -7.79 23.51
C ALA A 16 0.45 -7.22 22.94
N THR A 17 -0.58 -7.13 23.77
CA THR A 17 -1.90 -6.69 23.30
C THR A 17 -2.01 -5.19 23.42
N VAL A 18 -2.39 -4.52 22.33
CA VAL A 18 -2.52 -3.06 22.34
C VAL A 18 -3.70 -2.67 23.25
N THR A 19 -3.40 -1.81 24.20
CA THR A 19 -4.36 -1.30 25.17
C THR A 19 -4.79 0.14 24.90
N GLY A 20 -4.02 0.88 24.10
CA GLY A 20 -4.34 2.27 23.85
C GLY A 20 -3.60 2.77 22.64
N LYS A 21 -4.07 3.88 22.11
CA LYS A 21 -3.39 4.56 21.00
C LYS A 21 -3.76 6.03 21.07
N ASP A 22 -2.78 6.89 20.81
CA ASP A 22 -2.93 8.33 20.99
C ASP A 22 -2.20 9.00 19.84
N LEU A 23 -2.92 9.35 18.78
CA LEU A 23 -2.30 10.02 17.62
C LEU A 23 -1.54 11.33 17.99
N PHE A 24 -2.22 12.23 18.69
CA PHE A 24 -1.60 13.53 19.00
C PHE A 24 -0.90 13.53 20.36
N TYR A 25 0.21 12.79 20.41
CA TYR A 25 0.97 12.54 21.64
C TYR A 25 1.81 13.74 22.03
N VAL A 26 1.83 14.05 23.33
CA VAL A 26 2.59 15.15 23.89
C VAL A 26 3.46 14.67 25.05
N SER A 28 5.97 5.83 18.23
CA SER A 28 6.53 5.57 19.54
C SER A 28 5.58 4.78 20.40
N ILE A 29 6.16 3.89 21.19
CA ILE A 29 5.41 2.85 21.83
C ILE A 29 5.63 2.89 23.33
N THR A 30 4.55 2.99 24.06
CA THR A 30 4.62 2.96 25.52
C THR A 30 4.47 1.53 25.99
N ILE A 31 5.40 1.07 26.82
CA ILE A 31 5.39 -0.32 27.31
C ILE A 31 5.55 -0.30 28.85
N ASP A 32 4.64 -0.97 29.54
CA ASP A 32 4.79 -1.30 30.99
C ASP A 32 6.27 -1.48 31.35
N SER A 33 6.75 -0.67 32.29
CA SER A 33 8.19 -0.65 32.61
C SER A 33 8.72 -1.99 33.15
N GLU A 34 7.84 -2.80 33.74
CA GLU A 34 8.21 -4.14 34.20
C GLU A 34 8.39 -5.13 33.06
N ILE A 35 7.57 -4.99 32.01
CA ILE A 35 7.76 -5.80 30.80
C ILE A 35 9.08 -5.41 30.10
N MSE A 36 9.37 -4.11 30.06
CA MSE A 36 10.62 -3.62 29.48
C MSE A 36 11.79 -4.24 30.23
O MSE A 36 12.75 -4.71 29.62
CB MSE A 36 10.69 -2.10 29.59
CG MSE A 36 9.69 -1.36 28.71
SE MSE A 36 9.73 0.51 29.07
CE MSE A 36 11.64 0.81 28.99
N LYS A 37 11.68 -4.25 31.55
CA LYS A 37 12.70 -4.86 32.41
C LYS A 37 12.92 -6.34 32.07
N GLN A 38 11.83 -7.10 31.92
CA GLN A 38 11.93 -8.52 31.57
C GLN A 38 12.68 -8.69 30.26
N ALA A 39 12.43 -7.78 29.32
CA ALA A 39 12.97 -7.88 27.97
C ALA A 39 14.34 -7.23 27.80
N ASN A 40 14.91 -6.67 28.88
CA ASN A 40 16.16 -5.90 28.79
C ASN A 40 16.07 -4.80 27.71
N ILE A 41 14.92 -4.12 27.66
CA ILE A 41 14.71 -2.98 26.76
C ILE A 41 14.66 -1.73 27.62
N ILE A 42 15.42 -0.72 27.22
CA ILE A 42 15.52 0.50 27.99
C ILE A 42 14.75 1.65 27.37
N GLU A 43 14.46 2.64 28.19
CA GLU A 43 13.75 3.83 27.76
C GLU A 43 14.51 4.47 26.61
N ASN A 44 13.75 4.86 25.58
CA ASN A 44 14.26 5.50 24.35
C ASN A 44 15.02 4.57 23.40
N GLU A 45 15.05 3.28 23.67
CA GLU A 45 15.66 2.31 22.76
C GLU A 45 14.82 2.15 21.50
N LYS A 46 15.49 2.01 20.35
CA LYS A 46 14.82 1.75 19.08
C LYS A 46 14.34 0.29 19.02
N VAL A 47 13.08 0.11 18.61
CA VAL A 47 12.51 -1.24 18.46
C VAL A 47 11.74 -1.37 17.17
N GLN A 48 11.67 -2.60 16.68
CA GLN A 48 10.81 -2.98 15.57
C GLN A 48 9.51 -3.49 16.16
N VAL A 49 8.39 -2.96 15.67
CA VAL A 49 7.07 -3.35 16.13
C VAL A 49 6.34 -3.99 14.96
N VAL A 50 5.92 -5.24 15.12
CA VAL A 50 5.18 -5.95 14.06
C VAL A 50 3.86 -6.43 14.58
N ASN A 51 2.84 -6.33 13.75
CA ASN A 51 1.44 -6.50 14.14
C ASN A 51 0.82 -7.76 13.50
N LEU A 52 0.35 -8.67 14.35
CA LEU A 52 -0.19 -9.96 13.86
CA LEU A 52 -0.21 -9.95 13.89
C LEU A 52 -1.56 -9.78 13.19
N ASN A 53 -2.31 -8.76 13.55
CA ASN A 53 -3.66 -8.56 13.02
C ASN A 53 -3.59 -7.99 11.61
N ASN A 54 -2.78 -6.97 11.40
CA ASN A 54 -2.76 -6.25 10.12
C ASN A 54 -1.47 -6.36 9.32
N GLY A 55 -0.45 -7.03 9.87
CA GLY A 55 0.82 -7.18 9.19
C GLY A 55 1.78 -6.00 9.15
N GLU A 56 1.37 -4.87 9.74
CA GLU A 56 2.20 -3.66 9.71
C GLU A 56 3.51 -3.91 10.43
N ARG A 57 4.57 -3.32 9.88
CA ARG A 57 5.92 -3.38 10.40
C ARG A 57 6.47 -1.97 10.46
N LEU A 58 6.97 -1.57 11.63
CA LEU A 58 7.50 -0.21 11.80
C LEU A 58 8.60 -0.20 12.83
N GLU A 59 9.36 0.87 12.82
CA GLU A 59 10.40 1.10 13.82
C GLU A 59 10.07 2.37 14.55
N THR A 60 10.26 2.34 15.87
CA THR A 60 10.05 3.50 16.70
C THR A 60 10.87 3.34 17.97
N TYR A 61 10.65 4.21 18.96
CA TYR A 61 11.41 4.15 20.22
C TYR A 61 10.46 3.91 21.37
N VAL A 62 11.02 3.48 22.51
CA VAL A 62 10.21 3.02 23.66
C VAL A 62 10.05 4.14 24.71
N ILE A 63 8.84 4.27 25.22
CA ILE A 63 8.48 5.15 26.32
C ILE A 63 8.03 4.25 27.48
N LYS A 64 8.46 4.58 28.70
CA LYS A 64 8.04 3.81 29.86
C LYS A 64 6.56 3.95 30.18
N GLY A 65 5.89 2.82 30.35
CA GLY A 65 4.53 2.78 30.89
C GLY A 65 4.63 2.50 32.39
N GLU A 66 3.52 2.66 33.08
CA GLU A 66 3.49 2.42 34.52
C GLU A 66 3.73 0.94 34.86
N PRO A 67 4.54 0.66 35.89
CA PRO A 67 4.85 -0.73 36.22
C PRO A 67 3.60 -1.56 36.51
N ASN A 68 3.56 -2.77 35.97
CA ASN A 68 2.46 -3.71 36.13
C ASN A 68 1.10 -3.27 35.59
N SER A 69 1.08 -2.20 34.79
CA SER A 69 -0.15 -1.73 34.11
C SER A 69 -0.55 -2.60 32.90
N LYS A 70 0.43 -3.31 32.35
CA LYS A 70 0.28 -4.04 31.08
C LYS A 70 0.01 -3.06 29.92
N THR A 71 0.35 -1.80 30.09
CA THR A 71 0.19 -0.80 29.01
C THR A 71 1.04 -1.17 27.80
N ILE A 72 0.40 -1.19 26.62
CA ILE A 72 1.09 -1.29 25.33
C ILE A 72 0.33 -0.33 24.44
N ALA A 73 0.92 0.83 24.16
CA ALA A 73 0.22 1.91 23.48
C ALA A 73 1.08 2.46 22.37
N LEU A 74 0.49 2.61 21.19
CA LEU A 74 1.16 3.21 20.07
C LEU A 74 0.69 4.67 19.97
N ASN A 75 1.66 5.55 19.97
CA ASN A 75 1.45 6.99 20.02
C ASN A 75 1.99 7.63 18.76
N GLY A 76 1.55 8.84 18.50
CA GLY A 76 2.02 9.57 17.32
C GLY A 76 1.51 8.93 16.04
N PRO A 77 2.23 9.14 14.92
CA PRO A 77 1.83 8.57 13.66
C PRO A 77 1.65 7.06 13.71
N ALA A 78 2.38 6.37 14.57
CA ALA A 78 2.27 4.91 14.72
C ALA A 78 0.85 4.49 15.10
N ALA A 79 0.09 5.37 15.74
CA ALA A 79 -1.31 5.07 16.08
C ALA A 79 -2.14 4.74 14.88
N ARG A 80 -1.79 5.31 13.71
CA ARG A 80 -2.51 4.99 12.46
C ARG A 80 -2.30 3.56 11.95
N ARG A 81 -1.35 2.85 12.52
CA ARG A 81 -0.95 1.50 12.06
C ARG A 81 -1.42 0.41 13.00
N CYS A 82 -2.37 0.70 13.89
CA CYS A 82 -2.90 -0.33 14.77
C CYS A 82 -4.28 0.03 15.27
N GLU A 83 -4.91 -0.94 15.92
CA GLU A 83 -6.08 -0.71 16.73
C GLU A 83 -5.99 -1.42 18.04
N ILE A 84 -6.79 -0.95 19.00
CA ILE A 84 -6.83 -1.57 20.32
C ILE A 84 -7.20 -3.04 20.16
N GLY A 85 -6.49 -3.90 20.88
CA GLY A 85 -6.73 -5.34 20.80
C GLY A 85 -5.77 -6.05 19.89
N ASP A 86 -5.06 -5.32 19.01
CA ASP A 86 -4.11 -5.97 18.12
C ASP A 86 -2.97 -6.62 18.95
N GLN A 87 -2.44 -7.69 18.44
CA GLN A 87 -1.34 -8.38 19.07
C GLN A 87 -0.06 -8.01 18.36
N LEU A 88 0.95 -7.61 19.12
CA LEU A 88 2.23 -7.20 18.60
C LEU A 88 3.35 -8.11 19.04
N PHE A 89 4.39 -8.14 18.21
CA PHE A 89 5.72 -8.57 18.63
C PHE A 89 6.58 -7.31 18.63
N ILE A 90 7.45 -7.16 19.66
CA ILE A 90 8.32 -5.98 19.82
C ILE A 90 9.74 -6.51 19.92
N ILE A 91 10.60 -6.10 18.98
CA ILE A 91 11.92 -6.69 18.74
C ILE A 91 13.01 -5.63 18.85
N SER A 92 14.08 -5.95 19.59
CA SER A 92 15.24 -5.08 19.61
C SER A 92 16.44 -5.85 19.08
N TYR A 93 17.30 -5.14 18.33
CA TYR A 93 18.47 -5.73 17.72
C TYR A 93 19.71 -5.07 18.32
N THR A 94 20.85 -5.74 18.16
CA THR A 94 22.13 -5.19 18.63
C THR A 94 23.22 -5.47 17.58
N GLN A 95 24.18 -4.56 17.48
CA GLN A 95 25.31 -4.73 16.56
C GLN A 95 26.46 -5.31 17.37
N VAL A 96 26.98 -6.44 16.91
CA VAL A 96 28.04 -7.18 17.62
C VAL A 96 29.15 -7.60 16.71
N ASP A 97 30.33 -7.80 17.30
CA ASP A 97 31.45 -8.38 16.60
C ASP A 97 31.15 -9.85 16.35
N PRO A 98 31.16 -10.27 15.08
CA PRO A 98 30.85 -11.66 14.75
C PRO A 98 31.92 -12.66 15.23
N THR A 99 33.12 -12.17 15.61
CA THR A 99 34.14 -13.09 16.18
C THR A 99 33.87 -13.40 17.65
N ARG A 100 33.01 -12.63 18.29
CA ARG A 100 32.55 -12.95 19.66
C ARG A 100 31.51 -14.07 19.63
N GLU A 101 31.34 -14.74 20.77
CA GLU A 101 30.35 -15.79 20.92
C GLU A 101 28.94 -15.21 20.77
N ASN A 102 28.02 -16.09 20.40
CA ASN A 102 26.66 -15.66 20.04
C ASN A 102 25.93 -15.02 21.22
N ILE A 103 25.15 -13.98 20.92
CA ILE A 103 24.28 -13.32 21.90
C ILE A 103 23.03 -14.16 22.10
N LYS A 104 22.66 -14.43 23.36
CA LYS A 104 21.44 -15.18 23.64
C LYS A 104 20.29 -14.22 23.84
N PRO A 105 19.28 -14.27 22.95
CA PRO A 105 18.20 -13.31 23.09
C PRO A 105 17.39 -13.49 24.37
N LYS A 106 16.89 -12.37 24.90
CA LYS A 106 15.93 -12.36 26.00
C LYS A 106 14.51 -12.39 25.42
N LEU A 107 13.80 -13.48 25.67
CA LEU A 107 12.47 -13.68 25.11
C LEU A 107 11.41 -13.59 26.20
N VAL A 108 10.41 -12.76 25.97
CA VAL A 108 9.30 -12.55 26.89
C VAL A 108 8.03 -12.91 26.16
N ASP A 109 7.30 -13.93 26.62
CA ASP A 109 6.06 -14.37 25.96
C ASP A 109 4.89 -13.97 26.86
N LEU A 110 4.10 -13.01 26.39
CA LEU A 110 2.97 -12.48 27.17
C LEU A 110 1.65 -13.24 26.97
N LYS A 111 1.64 -14.23 26.09
CA LYS A 111 0.40 -14.94 25.78
C LYS A 111 -0.07 -15.74 27.00
N MSE B 4 35.26 5.58 10.07
CA MSE B 4 33.92 5.58 9.38
CA MSE B 4 33.91 5.58 9.49
C MSE B 4 33.53 4.13 9.09
O MSE B 4 34.40 3.28 8.89
CB MSE B 4 33.90 6.43 8.09
CB MSE B 4 33.88 6.57 8.32
CG MSE B 4 33.77 5.65 6.75
CG MSE B 4 34.58 7.91 8.72
SE MSE B 4 33.14 6.73 5.20
SE MSE B 4 34.88 9.25 7.33
CE MSE B 4 34.76 7.76 4.86
CE MSE B 4 36.33 10.24 8.19
N LEU B 5 32.24 3.85 9.07
CA LEU B 5 31.76 2.49 8.80
C LEU B 5 30.67 2.57 7.73
N ILE B 6 30.60 1.52 6.92
CA ILE B 6 29.54 1.40 5.90
C ILE B 6 28.98 0.00 5.97
N SER B 7 27.75 -0.16 5.45
CA SER B 7 27.14 -1.48 5.38
C SER B 7 27.39 -2.09 4.00
N VAL B 8 27.81 -3.36 4.02
CA VAL B 8 28.08 -4.12 2.81
C VAL B 8 27.44 -5.51 2.90
N LEU B 9 27.17 -6.11 1.75
CA LEU B 9 26.58 -7.44 1.67
C LEU B 9 27.54 -8.47 2.24
N LYS B 10 27.03 -9.30 3.14
CA LYS B 10 27.82 -10.40 3.72
C LYS B 10 27.38 -11.78 3.21
N SER B 11 26.07 -11.97 3.07
CA SER B 11 25.50 -13.27 2.67
C SER B 11 24.25 -13.05 1.85
N LYS B 12 24.02 -13.92 0.88
CA LYS B 12 22.77 -13.91 0.11
C LYS B 12 22.35 -15.32 -0.25
N ILE B 13 21.11 -15.65 0.07
CA ILE B 13 20.49 -16.92 -0.34
C ILE B 13 19.48 -16.54 -1.41
N SER B 14 19.63 -17.08 -2.61
CA SER B 14 18.75 -16.75 -3.74
C SER B 14 17.84 -17.93 -4.12
N TYR B 15 16.58 -17.64 -4.42
CA TYR B 15 15.60 -18.62 -4.86
C TYR B 15 15.22 -19.65 -3.81
N ALA B 16 15.06 -19.16 -2.58
CA ALA B 16 14.55 -19.93 -1.46
C ALA B 16 13.03 -20.02 -1.61
N THR B 17 12.49 -21.22 -1.76
CA THR B 17 11.05 -21.39 -1.96
C THR B 17 10.36 -21.58 -0.61
N VAL B 18 9.34 -20.77 -0.35
CA VAL B 18 8.55 -20.87 0.85
C VAL B 18 7.83 -22.23 0.92
N THR B 19 8.08 -22.93 2.02
CA THR B 19 7.46 -24.22 2.29
C THR B 19 6.36 -24.18 3.35
N GLY B 20 6.35 -23.12 4.17
CA GLY B 20 5.36 -23.03 5.23
C GLY B 20 5.22 -21.62 5.73
N LYS B 21 4.11 -21.39 6.42
CA LYS B 21 3.89 -20.11 7.07
C LYS B 21 2.92 -20.37 8.22
N ASP B 22 3.20 -19.70 9.33
CA ASP B 22 2.47 -19.88 10.59
CA ASP B 22 2.34 -19.83 10.50
C ASP B 22 2.32 -18.50 11.25
N LEU B 23 1.17 -17.87 11.12
CA LEU B 23 0.94 -16.56 11.72
C LEU B 23 1.12 -16.57 13.25
N PHE B 24 0.55 -17.58 13.90
CA PHE B 24 0.56 -17.55 15.39
CA PHE B 24 0.44 -17.71 15.33
C PHE B 24 1.67 -18.39 15.99
N TYR B 25 2.88 -17.95 15.68
CA TYR B 25 4.14 -18.60 16.13
C TYR B 25 4.45 -18.53 17.61
N VAL B 26 4.90 -19.66 18.17
CA VAL B 26 5.41 -19.71 19.53
C VAL B 26 6.80 -20.35 19.55
N SER B 28 9.07 -14.62 12.39
CA SER B 28 10.42 -14.44 11.85
C SER B 28 10.65 -15.46 10.72
N ILE B 29 11.88 -15.74 10.31
CA ILE B 29 12.07 -16.68 9.19
C ILE B 29 12.85 -17.93 9.63
N THR B 30 12.28 -19.10 9.36
CA THR B 30 12.92 -20.37 9.67
C THR B 30 13.59 -20.90 8.42
N ILE B 31 14.89 -21.20 8.53
CA ILE B 31 15.70 -21.66 7.42
C ILE B 31 16.46 -22.95 7.80
N ASP B 32 16.34 -23.97 6.95
CA ASP B 32 17.18 -25.18 7.00
C ASP B 32 18.58 -24.81 7.53
N SER B 33 19.00 -25.42 8.62
CA SER B 33 20.27 -25.04 9.25
C SER B 33 21.47 -25.31 8.34
N GLU B 34 21.35 -26.26 7.41
CA GLU B 34 22.44 -26.49 6.46
C GLU B 34 22.57 -25.41 5.42
N ILE B 35 21.43 -24.85 4.99
CA ILE B 35 21.43 -23.70 4.11
C ILE B 35 22.04 -22.47 4.81
N MSE B 36 21.67 -22.26 6.06
CA MSE B 36 22.25 -21.18 6.85
C MSE B 36 23.77 -21.31 6.94
O MSE B 36 24.48 -20.32 6.82
CB MSE B 36 21.71 -21.20 8.27
CG MSE B 36 20.23 -20.84 8.38
SE MSE B 36 19.55 -21.20 10.18
CE MSE B 36 20.81 -20.22 11.28
N LYS B 37 24.23 -22.53 7.16
CA LYS B 37 25.66 -22.79 7.25
C LYS B 37 26.37 -22.42 5.93
N GLN B 38 25.79 -22.84 4.80
CA GLN B 38 26.35 -22.48 3.49
C GLN B 38 26.47 -20.97 3.32
N ALA B 39 25.48 -20.23 3.84
CA ALA B 39 25.43 -18.78 3.67
C ALA B 39 26.14 -18.00 4.79
N ASN B 40 26.73 -18.69 5.76
CA ASN B 40 27.36 -18.04 6.92
CA ASN B 40 27.36 -18.04 6.92
C ASN B 40 26.37 -17.12 7.63
N ILE B 41 25.13 -17.59 7.77
CA ILE B 41 24.11 -16.88 8.52
C ILE B 41 23.90 -17.65 9.81
N ILE B 42 23.88 -16.94 10.95
CA ILE B 42 23.77 -17.59 12.23
C ILE B 42 22.37 -17.43 12.80
N GLU B 43 22.00 -18.31 13.74
CA GLU B 43 20.70 -18.17 14.39
C GLU B 43 20.58 -16.80 15.05
N ASN B 44 19.38 -16.21 14.90
CA ASN B 44 19.03 -14.92 15.45
C ASN B 44 19.66 -13.73 14.74
N GLU B 45 20.35 -13.98 13.64
CA GLU B 45 20.91 -12.90 12.83
C GLU B 45 19.78 -12.13 12.12
N LYS B 46 19.91 -10.82 12.01
CA LYS B 46 18.96 -10.00 11.22
C LYS B 46 19.18 -10.17 9.73
N VAL B 47 18.08 -10.35 8.98
CA VAL B 47 18.17 -10.53 7.55
C VAL B 47 17.11 -9.69 6.88
N GLN B 48 17.40 -9.27 5.66
CA GLN B 48 16.37 -8.72 4.77
C GLN B 48 15.79 -9.85 3.93
N VAL B 49 14.47 -9.91 3.85
CA VAL B 49 13.79 -10.92 3.07
C VAL B 49 12.98 -10.22 1.97
N VAL B 50 13.26 -10.55 0.73
CA VAL B 50 12.59 -9.92 -0.41
C VAL B 50 11.95 -11.01 -1.25
N ASN B 51 10.75 -10.74 -1.73
CA ASN B 51 9.85 -11.73 -2.35
C ASN B 51 9.65 -11.45 -3.85
N LEU B 52 10.05 -12.40 -4.69
CA LEU B 52 10.00 -12.24 -6.15
CA LEU B 52 10.00 -12.26 -6.14
C LEU B 52 8.57 -12.26 -6.67
N ASN B 53 7.67 -12.94 -5.95
CA ASN B 53 6.28 -13.08 -6.41
C ASN B 53 5.52 -11.80 -6.17
N ASN B 54 5.59 -11.27 -4.94
CA ASN B 54 4.77 -10.12 -4.57
C ASN B 54 5.52 -8.83 -4.35
N GLY B 55 6.85 -8.83 -4.42
CA GLY B 55 7.63 -7.63 -4.23
C GLY B 55 7.88 -7.18 -2.79
N GLU B 56 7.31 -7.89 -1.80
CA GLU B 56 7.39 -7.48 -0.39
C GLU B 56 8.84 -7.51 0.05
N ARG B 57 9.17 -6.52 0.88
CA ARG B 57 10.49 -6.39 1.46
C ARG B 57 10.35 -6.19 2.96
N LEU B 58 11.05 -7.00 3.75
CA LEU B 58 10.95 -6.89 5.19
C LEU B 58 12.25 -7.27 5.87
N GLU B 59 12.39 -6.90 7.13
CA GLU B 59 13.53 -7.31 7.93
C GLU B 59 13.01 -8.14 9.08
N THR B 60 13.69 -9.26 9.33
CA THR B 60 13.37 -10.08 10.48
C THR B 60 14.60 -10.81 10.94
N TYR B 61 14.45 -11.81 11.80
CA TYR B 61 15.61 -12.59 12.27
C TYR B 61 15.43 -14.06 11.93
N VAL B 62 16.55 -14.79 11.96
CA VAL B 62 16.60 -16.18 11.53
C VAL B 62 16.43 -17.19 12.66
N ILE B 63 15.57 -18.17 12.43
CA ILE B 63 15.39 -19.34 13.33
C ILE B 63 15.86 -20.58 12.60
N LYS B 64 16.57 -21.47 13.30
CA LYS B 64 17.05 -22.69 12.66
C LYS B 64 15.94 -23.64 12.32
N GLY B 65 15.97 -24.13 11.08
CA GLY B 65 15.13 -25.22 10.64
C GLY B 65 15.94 -26.50 10.67
N GLU B 66 15.26 -27.62 10.51
CA GLU B 66 15.92 -28.91 10.58
C GLU B 66 16.93 -29.07 9.44
N PRO B 67 18.10 -29.67 9.72
CA PRO B 67 19.09 -29.80 8.67
C PRO B 67 18.60 -30.63 7.48
N ASN B 68 18.89 -30.16 6.28
CA ASN B 68 18.51 -30.82 5.03
C ASN B 68 16.99 -30.96 4.78
N SER B 69 16.19 -30.20 5.53
CA SER B 69 14.73 -30.19 5.38
C SER B 69 14.23 -29.34 4.22
N LYS B 70 15.08 -28.41 3.79
CA LYS B 70 14.75 -27.35 2.83
C LYS B 70 13.63 -26.43 3.34
N THR B 71 13.43 -26.41 4.65
CA THR B 71 12.43 -25.52 5.24
C THR B 71 12.80 -24.07 5.02
N ILE B 72 11.84 -23.33 4.49
CA ILE B 72 11.89 -21.86 4.41
C ILE B 72 10.49 -21.42 4.84
N ALA B 73 10.36 -20.89 6.05
CA ALA B 73 9.02 -20.65 6.60
C ALA B 73 8.97 -19.26 7.21
N LEU B 74 7.95 -18.48 6.86
CA LEU B 74 7.75 -17.16 7.45
C LEU B 74 6.66 -17.27 8.50
N ASN B 75 7.03 -16.89 9.70
CA ASN B 75 6.29 -17.02 10.95
CA ASN B 75 6.07 -16.99 10.78
C ASN B 75 5.88 -15.64 11.49
N GLY B 76 4.87 -15.60 12.33
CA GLY B 76 4.48 -14.34 12.95
C GLY B 76 3.89 -13.41 11.91
N PRO B 77 3.93 -12.10 12.16
CA PRO B 77 3.35 -11.16 11.20
C PRO B 77 3.91 -11.27 9.80
N ALA B 78 5.15 -11.71 9.65
CA ALA B 78 5.71 -11.89 8.32
C ALA B 78 4.94 -12.88 7.46
N ALA B 79 4.22 -13.81 8.09
CA ALA B 79 3.36 -14.75 7.38
C ALA B 79 2.37 -14.04 6.49
N ARG B 80 1.92 -12.85 6.89
CA ARG B 80 0.96 -12.11 6.04
C ARG B 80 1.57 -11.54 4.76
N ARG B 81 2.89 -11.61 4.63
CA ARG B 81 3.59 -11.04 3.48
C ARG B 81 4.09 -12.06 2.47
N CYS B 82 3.60 -13.29 2.54
CA CYS B 82 3.98 -14.31 1.60
C CYS B 82 2.92 -15.39 1.49
N GLU B 83 3.11 -16.27 0.51
CA GLU B 83 2.36 -17.51 0.40
C GLU B 83 3.31 -18.65 0.10
N ILE B 84 2.87 -19.86 0.44
CA ILE B 84 3.63 -21.04 0.10
C ILE B 84 3.92 -21.08 -1.40
N GLY B 85 5.16 -21.39 -1.73
CA GLY B 85 5.61 -21.43 -3.11
C GLY B 85 6.33 -20.18 -3.59
N ASP B 86 6.21 -19.09 -2.83
CA ASP B 86 6.86 -17.85 -3.24
C ASP B 86 8.38 -18.04 -3.22
N GLN B 87 9.07 -17.35 -4.10
CA GLN B 87 10.53 -17.38 -4.18
CA GLN B 87 10.54 -17.39 -4.14
C GLN B 87 11.10 -16.16 -3.46
N LEU B 88 12.04 -16.41 -2.55
CA LEU B 88 12.66 -15.36 -1.77
C LEU B 88 14.13 -15.22 -2.05
N PHE B 89 14.62 -14.00 -1.87
CA PHE B 89 16.05 -13.76 -1.60
C PHE B 89 16.17 -13.38 -0.13
N ILE B 90 17.18 -13.94 0.52
CA ILE B 90 17.45 -13.67 1.94
C ILE B 90 18.87 -13.12 2.05
N ILE B 91 18.98 -11.92 2.58
CA ILE B 91 20.19 -11.10 2.53
C ILE B 91 20.66 -10.68 3.94
N SER B 92 21.96 -10.80 4.21
CA SER B 92 22.51 -10.21 5.44
C SER B 92 23.65 -9.27 5.11
N TYR B 93 23.74 -8.20 5.89
CA TYR B 93 24.73 -7.15 5.70
C TYR B 93 25.65 -7.15 6.92
N THR B 94 26.80 -6.49 6.74
CA THR B 94 27.77 -6.31 7.82
C THR B 94 28.30 -4.88 7.73
N GLN B 95 28.58 -4.28 8.88
CA GLN B 95 29.18 -2.95 8.97
C GLN B 95 30.69 -3.11 9.04
N VAL B 96 31.40 -2.42 8.17
CA VAL B 96 32.85 -2.52 8.10
C VAL B 96 33.49 -1.17 7.93
N ASP B 97 34.74 -1.08 8.37
CA ASP B 97 35.62 0.01 8.01
C ASP B 97 36.06 -0.26 6.58
N PRO B 98 35.73 0.65 5.66
CA PRO B 98 36.02 0.35 4.26
C PRO B 98 37.50 0.53 3.88
N THR B 99 38.31 1.08 4.78
CA THR B 99 39.76 1.15 4.57
C THR B 99 40.41 -0.23 4.74
N ARG B 100 39.68 -1.17 5.35
CA ARG B 100 40.09 -2.58 5.38
C ARG B 100 39.79 -3.34 4.07
N GLU B 101 40.24 -4.60 4.01
CA GLU B 101 39.99 -5.49 2.87
C GLU B 101 38.49 -5.73 2.63
N ASN B 102 38.14 -5.96 1.36
CA ASN B 102 36.75 -6.14 0.96
C ASN B 102 36.12 -7.38 1.60
N ILE B 103 34.86 -7.26 2.03
CA ILE B 103 34.07 -8.42 2.41
C ILE B 103 33.65 -9.12 1.11
N LYS B 104 34.02 -10.39 0.96
CA LYS B 104 33.59 -11.19 -0.18
C LYS B 104 32.32 -11.92 0.24
N PRO B 105 31.17 -11.56 -0.39
CA PRO B 105 29.94 -12.16 0.10
C PRO B 105 29.81 -13.65 -0.21
N LYS B 106 29.20 -14.37 0.72
CA LYS B 106 28.82 -15.75 0.53
C LYS B 106 27.46 -15.84 -0.17
N LEU B 107 27.47 -16.41 -1.38
CA LEU B 107 26.30 -16.50 -2.24
C LEU B 107 25.87 -17.95 -2.36
N VAL B 108 24.63 -18.23 -1.97
CA VAL B 108 24.02 -19.54 -2.06
C VAL B 108 22.84 -19.47 -3.03
N ASP B 109 22.93 -20.15 -4.17
CA ASP B 109 21.87 -20.14 -5.18
C ASP B 109 21.14 -21.46 -5.12
N LEU B 110 19.88 -21.42 -4.73
CA LEU B 110 19.07 -22.63 -4.55
C LEU B 110 18.27 -23.05 -5.78
N LYS B 111 18.29 -22.24 -6.84
CA LYS B 111 17.42 -22.46 -8.01
C LYS B 111 17.70 -23.78 -8.70
N MSE C 4 28.60 -4.72 22.82
CA MSE C 4 27.45 -4.60 21.89
C MSE C 4 27.01 -3.14 21.75
O MSE C 4 27.22 -2.34 22.66
CB MSE C 4 26.30 -5.52 22.36
CG MSE C 4 25.31 -4.96 23.39
SE MSE C 4 23.91 -6.28 23.90
CE MSE C 4 25.07 -7.62 24.75
N LEU C 5 26.43 -2.79 20.60
CA LEU C 5 25.85 -1.47 20.41
C LEU C 5 24.35 -1.62 20.25
N ILE C 6 23.61 -0.66 20.78
CA ILE C 6 22.17 -0.53 20.48
C ILE C 6 21.83 0.86 19.99
N SER C 7 20.69 0.97 19.30
CA SER C 7 20.22 2.26 18.83
C SER C 7 19.25 2.84 19.85
N VAL C 8 19.47 4.10 20.17
CA VAL C 8 18.66 4.86 21.10
C VAL C 8 18.32 6.23 20.51
N LEU C 9 17.21 6.79 20.96
CA LEU C 9 16.81 8.12 20.53
C LEU C 9 17.82 9.18 20.95
N LYS C 10 18.27 10.00 20.00
CA LYS C 10 19.11 11.17 20.37
C LYS C 10 18.43 12.53 20.24
N SER C 11 17.50 12.68 19.29
CA SER C 11 16.87 13.97 18.95
C SER C 11 15.42 13.71 18.46
N LYS C 12 14.48 14.56 18.87
CA LYS C 12 13.11 14.52 18.33
C LYS C 12 12.54 15.91 18.22
N ILE C 13 12.14 16.26 17.00
CA ILE C 13 11.37 17.48 16.70
C ILE C 13 9.92 17.06 16.53
N SER C 14 9.04 17.59 17.36
CA SER C 14 7.62 17.26 17.32
C SER C 14 6.77 18.41 16.80
N TYR C 15 5.77 18.07 15.99
CA TYR C 15 4.79 19.01 15.42
C TYR C 15 5.43 20.03 14.49
N ALA C 16 6.34 19.54 13.67
CA ALA C 16 6.92 20.33 12.57
C ALA C 16 5.90 20.40 11.46
N THR C 17 5.48 21.59 11.07
CA THR C 17 4.43 21.74 10.04
C THR C 17 5.10 21.89 8.69
N VAL C 18 4.75 21.04 7.75
CA VAL C 18 5.30 21.15 6.40
C VAL C 18 4.92 22.50 5.75
N THR C 19 5.95 23.22 5.30
CA THR C 19 5.78 24.52 4.63
C THR C 19 6.01 24.50 3.10
N GLY C 20 6.64 23.44 2.61
CA GLY C 20 6.88 23.32 1.17
C GLY C 20 7.23 21.90 0.79
N LYS C 21 7.16 21.63 -0.50
CA LYS C 21 7.60 20.37 -1.04
C LYS C 21 8.03 20.59 -2.47
N ASP C 22 9.14 19.96 -2.84
CA ASP C 22 9.73 20.12 -4.17
C ASP C 22 10.22 18.76 -4.69
N LEU C 23 9.41 18.12 -5.52
CA LEU C 23 9.77 16.82 -6.09
C LEU C 23 11.10 16.83 -6.84
N PHE C 24 11.27 17.77 -7.75
CA PHE C 24 12.48 17.77 -8.58
C PHE C 24 13.58 18.68 -8.03
N TYR C 25 14.08 18.28 -6.86
CA TYR C 25 15.11 19.01 -6.14
C TYR C 25 16.47 18.93 -6.83
N SER C 28 14.16 13.50 1.42
CA SER C 28 15.08 14.57 1.78
C SER C 28 14.49 15.83 2.40
N ILE C 29 14.94 16.21 3.58
CA ILE C 29 14.17 17.16 4.34
C ILE C 29 14.97 18.41 4.69
N THR C 30 14.40 19.56 4.36
CA THR C 30 15.01 20.86 4.69
C THR C 30 14.40 21.37 5.99
N ILE C 31 15.24 21.72 6.96
CA ILE C 31 14.79 22.18 8.27
C ILE C 31 15.51 23.48 8.66
N ASP C 32 14.75 24.50 9.03
CA ASP C 32 15.26 25.74 9.65
C ASP C 32 16.48 25.42 10.53
N SER C 33 17.63 26.03 10.22
CA SER C 33 18.88 25.66 10.88
C SER C 33 18.89 25.92 12.38
N GLU C 34 18.06 26.84 12.88
CA GLU C 34 17.94 27.06 14.33
C GLU C 34 17.15 25.96 15.02
N ILE C 35 16.19 25.38 14.31
CA ILE C 35 15.45 24.23 14.81
C ILE C 35 16.42 23.05 14.91
N MSE C 36 17.25 22.86 13.87
CA MSE C 36 18.26 21.81 13.87
C MSE C 36 19.21 21.93 15.04
O MSE C 36 19.56 20.95 15.67
CB MSE C 36 19.08 21.84 12.58
CG MSE C 36 18.30 21.51 11.34
SE MSE C 36 19.29 21.84 9.70
CE MSE C 36 20.87 20.75 10.04
N LYS C 37 19.65 23.17 15.32
CA LYS C 37 20.55 23.43 16.43
C LYS C 37 19.87 23.06 17.76
N GLN C 38 18.62 23.48 17.92
CA GLN C 38 17.83 23.14 19.12
C GLN C 38 17.81 21.62 19.32
N ALA C 39 17.59 20.87 18.24
CA ALA C 39 17.48 19.42 18.31
C ALA C 39 18.82 18.67 18.24
N ASN C 40 19.94 19.39 18.17
CA ASN C 40 21.25 18.78 17.99
CA ASN C 40 21.25 18.78 17.99
C ASN C 40 21.29 17.88 16.74
N ILE C 41 20.65 18.34 15.66
CA ILE C 41 20.70 17.62 14.39
C ILE C 41 21.63 18.40 13.47
N ILE C 42 22.52 17.68 12.80
CA ILE C 42 23.48 18.32 11.91
C ILE C 42 23.12 18.09 10.43
N GLU C 43 23.64 18.98 9.60
CA GLU C 43 23.57 18.87 8.16
C GLU C 43 23.99 17.48 7.68
N ASN C 44 23.17 16.89 6.81
CA ASN C 44 23.39 15.54 6.26
C ASN C 44 23.17 14.35 7.21
N GLU C 45 22.66 14.61 8.40
CA GLU C 45 22.32 13.56 9.33
C GLU C 45 21.10 12.79 8.83
N LYS C 46 21.13 11.46 8.97
CA LYS C 46 19.97 10.59 8.65
C LYS C 46 18.92 10.75 9.73
N VAL C 47 17.66 10.89 9.31
CA VAL C 47 16.56 11.06 10.21
C VAL C 47 15.40 10.22 9.75
N GLN C 48 14.59 9.80 10.72
CA GLN C 48 13.28 9.21 10.48
C GLN C 48 12.24 10.34 10.48
N VAL C 49 11.37 10.35 9.47
CA VAL C 49 10.31 11.35 9.39
C VAL C 49 9.00 10.61 9.37
N VAL C 50 8.12 10.94 10.32
CA VAL C 50 6.81 10.29 10.42
C VAL C 50 5.71 11.35 10.41
N ASN C 51 4.61 11.08 9.74
CA ASN C 51 3.61 12.06 9.35
C ASN C 51 2.29 11.75 10.07
N LEU C 52 1.83 12.69 10.89
CA LEU C 52 0.62 12.47 11.70
CA LEU C 52 0.62 12.50 11.70
C LEU C 52 -0.64 12.49 10.86
N ASN C 53 -0.62 13.18 9.71
CA ASN C 53 -1.81 13.28 8.87
C ASN C 53 -2.06 11.98 8.09
N ASN C 54 -1.01 11.46 7.45
CA ASN C 54 -1.17 10.32 6.56
C ASN C 54 -0.51 9.04 7.05
N GLY C 55 0.21 9.07 8.16
CA GLY C 55 0.85 7.89 8.68
C GLY C 55 2.15 7.43 8.04
N GLU C 56 2.61 8.15 7.00
CA GLU C 56 3.79 7.74 6.27
C GLU C 56 5.03 7.78 7.17
N ARG C 57 5.92 6.85 6.95
CA ARG C 57 7.17 6.74 7.71
C ARG C 57 8.28 6.58 6.70
N LEU C 58 9.29 7.45 6.76
CA LEU C 58 10.43 7.33 5.87
C LEU C 58 11.71 7.71 6.55
N GLU C 59 12.81 7.37 5.90
CA GLU C 59 14.16 7.79 6.31
C GLU C 59 14.79 8.60 5.20
N THR C 60 15.40 9.72 5.59
CA THR C 60 16.09 10.57 4.62
C THR C 60 17.18 11.34 5.36
N TYR C 61 17.79 12.32 4.72
CA TYR C 61 18.85 13.11 5.35
C TYR C 61 18.45 14.59 5.39
N VAL C 62 19.15 15.35 6.24
CA VAL C 62 18.75 16.72 6.58
C VAL C 62 19.55 17.74 5.75
N ILE C 63 18.82 18.70 5.21
CA ILE C 63 19.41 19.88 4.56
C ILE C 63 19.08 21.13 5.38
N LYS C 64 20.07 22.03 5.52
CA LYS C 64 19.84 23.26 6.25
C LYS C 64 18.90 24.21 5.54
N GLY C 65 17.91 24.70 6.27
CA GLY C 65 17.04 25.78 5.80
C GLY C 65 17.46 27.08 6.48
N GLU C 66 16.94 28.19 6.01
CA GLU C 66 17.33 29.51 6.55
C GLU C 66 16.99 29.67 8.04
N PRO C 67 17.88 30.31 8.83
CA PRO C 67 17.59 30.43 10.25
C PRO C 67 16.32 31.25 10.56
N ASN C 68 15.52 30.75 11.49
CA ASN C 68 14.27 31.37 11.91
C ASN C 68 13.18 31.50 10.82
N SER C 69 13.35 30.75 9.72
CA SER C 69 12.35 30.71 8.64
C SER C 69 11.18 29.79 8.96
N LYS C 70 11.38 28.88 9.91
CA LYS C 70 10.47 27.76 10.21
C LYS C 70 10.28 26.82 9.00
N THR C 71 11.22 26.84 8.05
CA THR C 71 11.08 25.97 6.86
C THR C 71 11.11 24.51 7.31
N ILE C 72 10.14 23.73 6.80
CA ILE C 72 10.12 22.28 6.95
C ILE C 72 9.64 21.80 5.58
N ALA C 73 10.53 21.28 4.77
CA ALA C 73 10.20 20.99 3.38
C ALA C 73 10.72 19.62 2.99
N LEU C 74 9.85 18.83 2.38
CA LEU C 74 10.23 17.50 1.89
C LEU C 74 10.48 17.62 0.40
N ASN C 75 11.68 17.22 0.02
CA ASN C 75 12.30 17.35 -1.29
CA ASN C 75 12.04 17.32 -1.37
C ASN C 75 12.47 15.98 -1.94
N GLY C 76 12.49 15.93 -3.26
CA GLY C 76 12.78 14.67 -3.92
C GLY C 76 11.60 13.74 -3.81
N PRO C 77 11.83 12.43 -3.97
CA PRO C 77 10.74 11.48 -3.89
C PRO C 77 9.93 11.57 -2.61
N ALA C 78 10.54 12.00 -1.51
CA ALA C 78 9.81 12.22 -0.25
C ALA C 78 8.64 13.19 -0.37
N ALA C 79 8.70 14.09 -1.36
CA ALA C 79 7.60 15.01 -1.63
C ALA C 79 6.31 14.28 -1.92
N ARG C 80 6.39 13.08 -2.49
CA ARG C 80 5.13 12.32 -2.77
C ARG C 80 4.47 11.76 -1.51
N ARG C 81 5.12 11.87 -0.35
CA ARG C 81 4.63 11.30 0.90
C ARG C 81 4.10 12.32 1.86
N CYS C 82 3.86 13.55 1.40
CA CYS C 82 3.29 14.57 2.28
C CYS C 82 2.56 15.61 1.47
N GLU C 83 1.85 16.49 2.18
CA GLU C 83 1.29 17.71 1.63
C GLU C 83 1.59 18.85 2.56
N ILE C 84 1.56 20.05 2.01
CA ILE C 84 1.77 21.24 2.84
C ILE C 84 0.72 21.29 3.93
N GLY C 85 1.18 21.62 5.14
CA GLY C 85 0.35 21.63 6.32
C GLY C 85 0.37 20.37 7.17
N ASP C 86 0.87 19.26 6.62
CA ASP C 86 1.03 18.08 7.42
C ASP C 86 1.97 18.30 8.63
N GLN C 87 1.67 17.62 9.70
CA GLN C 87 2.45 17.66 10.93
C GLN C 87 3.34 16.46 10.98
N LEU C 88 4.63 16.73 11.19
CA LEU C 88 5.65 15.70 11.24
C LEU C 88 6.34 15.60 12.60
N PHE C 89 6.82 14.41 12.88
CA PHE C 89 7.83 14.19 13.91
C PHE C 89 9.10 13.81 13.18
N ILE C 90 10.22 14.38 13.59
CA ILE C 90 11.52 14.13 12.95
C ILE C 90 12.46 13.60 14.02
N ILE C 91 12.96 12.39 13.81
CA ILE C 91 13.64 11.62 14.84
C ILE C 91 15.04 11.25 14.38
N SER C 92 16.01 11.36 15.30
CA SER C 92 17.34 10.82 15.01
C SER C 92 17.79 9.90 16.14
N TYR C 93 18.52 8.87 15.73
CA TYR C 93 19.04 7.84 16.61
C TYR C 93 20.57 7.87 16.61
N THR C 94 21.12 7.27 17.67
CA THR C 94 22.57 7.07 17.82
C THR C 94 22.83 5.64 18.29
N GLN C 95 23.91 5.03 17.80
CA GLN C 95 24.35 3.73 18.27
C GLN C 95 25.29 3.93 19.46
N VAL C 96 25.00 3.23 20.56
CA VAL C 96 25.78 3.36 21.80
C VAL C 96 26.02 2.02 22.46
N ASP C 97 27.09 1.97 23.27
CA ASP C 97 27.31 0.87 24.20
C ASP C 97 26.41 1.12 25.40
N PRO C 98 25.41 0.25 25.63
CA PRO C 98 24.44 0.55 26.69
C PRO C 98 25.01 0.49 28.12
N THR C 99 26.21 -0.07 28.28
CA THR C 99 26.87 -0.09 29.60
C THR C 99 27.51 1.26 29.95
N ARG C 100 27.64 2.15 28.97
CA ARG C 100 28.00 3.55 29.23
C ARG C 100 26.78 4.36 29.71
N GLU C 101 26.99 5.64 30.03
CA GLU C 101 25.92 6.54 30.46
C GLU C 101 24.82 6.68 29.39
N ASN C 102 23.60 6.92 29.85
CA ASN C 102 22.44 7.03 28.96
C ASN C 102 22.44 8.34 28.16
N ILE C 103 22.04 8.24 26.90
CA ILE C 103 21.80 9.43 26.08
C ILE C 103 20.49 10.07 26.55
N LYS C 104 20.57 11.34 26.96
CA LYS C 104 19.39 12.12 27.28
C LYS C 104 18.93 12.77 25.99
N PRO C 105 17.77 12.33 25.45
CA PRO C 105 17.39 12.90 24.16
C PRO C 105 17.09 14.40 24.20
N LYS C 106 17.41 15.07 23.10
CA LYS C 106 17.07 16.47 22.90
C LYS C 106 15.68 16.55 22.24
N LEU C 107 14.72 17.09 22.97
CA LEU C 107 13.33 17.16 22.53
C LEU C 107 12.94 18.59 22.23
N VAL C 108 12.44 18.81 21.01
CA VAL C 108 12.00 20.12 20.56
C VAL C 108 10.53 20.02 20.17
N ASP C 109 9.67 20.76 20.86
CA ASP C 109 8.23 20.72 20.60
C ASP C 109 7.82 22.03 19.94
N LEU C 110 7.44 21.94 18.66
CA LEU C 110 7.07 23.11 17.86
C LEU C 110 5.57 23.39 17.84
N LYS C 111 4.79 22.72 18.69
CA LYS C 111 3.33 22.89 18.67
C LYS C 111 2.96 24.29 19.16
N MSE D 4 28.84 8.85 20.96
CA MSE D 4 27.78 8.63 19.94
C MSE D 4 28.36 8.25 18.55
O MSE D 4 29.42 8.75 18.12
CB MSE D 4 26.92 9.89 19.77
CG MSE D 4 25.84 10.08 20.84
SE MSE D 4 24.67 11.59 20.40
CE MSE D 4 25.62 13.02 21.34
N LEU D 5 27.64 7.35 17.88
CA LEU D 5 27.87 7.00 16.48
C LEU D 5 26.54 7.34 15.82
N ILE D 6 26.57 8.10 14.73
CA ILE D 6 25.36 8.45 13.99
C ILE D 6 25.55 8.15 12.50
N SER D 7 24.43 8.00 11.80
CA SER D 7 24.45 7.84 10.34
C SER D 7 24.36 9.20 9.67
N VAL D 8 25.24 9.41 8.70
CA VAL D 8 25.28 10.62 7.91
C VAL D 8 25.42 10.27 6.42
N LEU D 9 25.03 11.20 5.57
CA LEU D 9 25.09 11.00 4.13
C LEU D 9 26.54 10.92 3.69
N LYS D 10 26.87 9.88 2.95
CA LYS D 10 28.22 9.84 2.38
C LYS D 10 28.28 10.00 0.85
N SER D 11 27.25 9.54 0.13
CA SER D 11 27.21 9.67 -1.34
C SER D 11 25.78 9.81 -1.79
N LYS D 12 25.56 10.54 -2.87
CA LYS D 12 24.25 10.61 -3.51
C LYS D 12 24.41 10.74 -5.03
N ILE D 13 23.74 9.84 -5.75
CA ILE D 13 23.59 9.93 -7.19
C ILE D 13 22.18 10.41 -7.45
N SER D 14 22.06 11.56 -8.11
CA SER D 14 20.77 12.15 -8.41
C SER D 14 20.44 12.02 -9.90
N TYR D 15 19.19 11.72 -10.18
CA TYR D 15 18.61 11.67 -11.54
C TYR D 15 19.20 10.56 -12.38
N ALA D 16 19.38 9.41 -11.75
CA ALA D 16 19.77 8.17 -12.44
C ALA D 16 18.56 7.62 -13.15
N THR D 17 18.65 7.46 -14.47
CA THR D 17 17.48 7.00 -15.23
C THR D 17 17.56 5.49 -15.39
N VAL D 18 16.49 4.82 -14.98
CA VAL D 18 16.39 3.36 -15.12
C VAL D 18 16.47 2.97 -16.60
N THR D 19 17.41 2.09 -16.92
CA THR D 19 17.66 1.59 -18.27
C THR D 19 17.19 0.15 -18.46
N GLY D 20 17.01 -0.59 -17.36
CA GLY D 20 16.61 -1.96 -17.42
C GLY D 20 16.07 -2.48 -16.10
N LYS D 21 15.39 -3.61 -16.16
CA LYS D 21 14.93 -4.29 -14.97
C LYS D 21 14.82 -5.77 -15.32
N ASP D 22 15.19 -6.61 -14.35
CA ASP D 22 15.18 -8.05 -14.55
C ASP D 22 14.76 -8.71 -13.24
N LEU D 23 13.50 -9.10 -13.16
CA LEU D 23 13.00 -9.80 -11.96
C LEU D 23 13.80 -11.07 -11.59
N PHE D 24 14.04 -11.93 -12.57
CA PHE D 24 14.59 -13.25 -12.38
CA PHE D 24 14.63 -13.23 -12.23
C PHE D 24 16.15 -13.23 -12.41
N TYR D 25 16.80 -12.40 -11.60
CA TYR D 25 18.25 -12.21 -11.65
C TYR D 25 19.03 -13.47 -11.26
N SER D 28 18.79 -6.46 -6.63
CA SER D 28 19.92 -5.56 -6.39
C SER D 28 19.81 -4.42 -7.38
N ILE D 29 20.72 -3.46 -7.30
CA ILE D 29 20.77 -2.37 -8.31
C ILE D 29 22.10 -2.45 -9.03
N THR D 30 22.05 -2.51 -10.34
CA THR D 30 23.25 -2.49 -11.16
C THR D 30 23.51 -1.06 -11.57
N ILE D 31 24.73 -0.57 -11.36
CA ILE D 31 25.10 0.81 -11.63
C ILE D 31 26.40 0.83 -12.42
N ASP D 32 26.41 1.52 -13.57
CA ASP D 32 27.66 1.80 -14.36
C ASP D 32 28.83 2.00 -13.40
N SER D 33 29.87 1.19 -13.54
CA SER D 33 31.00 1.22 -12.56
C SER D 33 31.71 2.57 -12.49
N GLU D 34 31.68 3.36 -13.56
CA GLU D 34 32.26 4.73 -13.52
C GLU D 34 31.45 5.66 -12.65
N ILE D 35 30.12 5.54 -12.72
CA ILE D 35 29.27 6.33 -11.84
C ILE D 35 29.45 5.94 -10.37
N MSE D 36 29.57 4.65 -10.10
CA MSE D 36 29.91 4.19 -8.76
C MSE D 36 31.18 4.84 -8.21
O MSE D 36 31.21 5.29 -7.05
CB MSE D 36 30.10 2.66 -8.77
CG MSE D 36 28.83 1.90 -9.01
SE MSE D 36 29.12 0.01 -9.21
CE MSE D 36 30.08 -0.26 -7.58
N LYS D 37 32.21 4.88 -9.03
CA LYS D 37 33.47 5.50 -8.60
C LYS D 37 33.30 6.99 -8.34
N GLN D 38 32.58 7.69 -9.23
CA GLN D 38 32.29 9.10 -9.00
C GLN D 38 31.57 9.34 -7.68
N ALA D 39 30.74 8.38 -7.25
CA ALA D 39 29.95 8.51 -6.03
C ALA D 39 30.62 7.91 -4.81
N ASN D 40 31.82 7.34 -4.98
CA ASN D 40 32.48 6.60 -3.92
CA ASN D 40 32.49 6.58 -3.94
C ASN D 40 31.61 5.49 -3.34
N ILE D 41 30.91 4.79 -4.21
CA ILE D 41 30.09 3.65 -3.83
C ILE D 41 30.79 2.42 -4.35
N ILE D 42 30.97 1.43 -3.49
CA ILE D 42 31.65 0.21 -3.88
C ILE D 42 30.71 -0.93 -4.15
N GLU D 43 31.20 -1.91 -4.89
CA GLU D 43 30.49 -3.16 -5.14
C GLU D 43 30.05 -3.80 -3.82
N ASN D 44 28.77 -4.19 -3.78
CA ASN D 44 28.13 -4.82 -2.62
C ASN D 44 27.77 -3.90 -1.48
N GLU D 45 27.95 -2.60 -1.65
CA GLU D 45 27.58 -1.62 -0.65
C GLU D 45 26.05 -1.50 -0.59
N LYS D 46 25.53 -1.35 0.61
CA LYS D 46 24.11 -1.10 0.83
C LYS D 46 23.76 0.34 0.46
N VAL D 47 22.68 0.50 -0.29
CA VAL D 47 22.22 1.85 -0.67
C VAL D 47 20.71 1.95 -0.54
N GLN D 48 20.28 3.16 -0.27
CA GLN D 48 18.86 3.54 -0.35
C GLN D 48 18.55 3.98 -1.77
N VAL D 49 17.48 3.44 -2.37
CA VAL D 49 17.08 3.82 -3.71
C VAL D 49 15.66 4.40 -3.60
N VAL D 50 15.51 5.65 -4.05
CA VAL D 50 14.22 6.37 -4.00
C VAL D 50 13.84 6.80 -5.41
N ASN D 51 12.57 6.69 -5.75
CA ASN D 51 12.08 6.82 -7.14
C ASN D 51 11.18 8.05 -7.25
N LEU D 52 11.57 8.96 -8.12
CA LEU D 52 10.85 10.23 -8.31
CA LEU D 52 10.86 10.22 -8.30
C LEU D 52 9.51 10.03 -9.00
N ASN D 53 9.38 8.99 -9.79
CA ASN D 53 8.13 8.74 -10.55
C ASN D 53 7.05 8.17 -9.64
N ASN D 54 7.41 7.17 -8.85
CA ASN D 54 6.40 6.45 -8.09
C ASN D 54 6.51 6.57 -6.58
N GLY D 55 7.52 7.26 -6.06
CA GLY D 55 7.72 7.45 -4.66
C GLY D 55 8.26 6.29 -3.85
N GLU D 56 8.54 5.15 -4.52
CA GLU D 56 9.00 3.96 -3.85
C GLU D 56 10.34 4.24 -3.21
N ARG D 57 10.53 3.63 -2.04
CA ARG D 57 11.75 3.74 -1.26
C ARG D 57 12.17 2.34 -0.85
N LEU D 58 13.42 1.94 -1.15
CA LEU D 58 13.87 0.61 -0.78
C LEU D 58 15.38 0.64 -0.48
N GLU D 59 15.86 -0.41 0.16
CA GLU D 59 17.29 -0.58 0.40
C GLU D 59 17.70 -1.87 -0.29
N THR D 60 18.87 -1.82 -0.93
CA THR D 60 19.41 -3.01 -1.60
C THR D 60 20.94 -2.82 -1.71
N TYR D 61 21.61 -3.71 -2.40
CA TYR D 61 23.07 -3.63 -2.55
C TYR D 61 23.43 -3.36 -4.01
N VAL D 62 24.66 -2.90 -4.23
CA VAL D 62 25.10 -2.48 -5.58
C VAL D 62 25.86 -3.57 -6.31
N ILE D 63 25.53 -3.73 -7.58
CA ILE D 63 26.25 -4.60 -8.52
C ILE D 63 26.87 -3.73 -9.61
N LYS D 64 28.10 -4.07 -10.05
CA LYS D 64 28.75 -3.27 -11.08
C LYS D 64 28.13 -3.43 -12.45
N GLY D 65 27.86 -2.31 -13.11
CA GLY D 65 27.47 -2.32 -14.51
C GLY D 65 28.70 -1.97 -15.36
N GLU D 66 28.61 -2.19 -16.66
CA GLU D 66 29.73 -1.91 -17.57
C GLU D 66 30.13 -0.43 -17.53
N PRO D 67 31.44 -0.13 -17.56
CA PRO D 67 31.87 1.25 -17.46
C PRO D 67 31.38 2.11 -18.63
N ASN D 68 30.89 3.31 -18.31
CA ASN D 68 30.37 4.23 -19.31
C ASN D 68 29.12 3.75 -20.08
N SER D 69 28.47 2.69 -19.59
CA SER D 69 27.22 2.19 -20.18
C SER D 69 26.00 3.04 -19.82
N LYS D 70 26.13 3.83 -18.77
CA LYS D 70 25.00 4.49 -18.08
C LYS D 70 23.94 3.49 -17.56
N THR D 71 24.32 2.22 -17.39
CA THR D 71 23.35 1.23 -16.90
C THR D 71 22.89 1.57 -15.48
N ILE D 72 21.57 1.65 -15.29
CA ILE D 72 20.92 1.73 -13.98
C ILE D 72 19.77 0.75 -14.06
N ALA D 73 19.92 -0.40 -13.41
CA ALA D 73 18.94 -1.48 -13.55
C ALA D 73 18.55 -2.04 -12.19
N LEU D 74 17.26 -2.24 -11.96
CA LEU D 74 16.79 -2.86 -10.71
C LEU D 74 16.47 -4.30 -11.00
N ASN D 75 17.07 -5.19 -10.24
CA ASN D 75 17.03 -6.63 -10.46
C ASN D 75 16.36 -7.31 -9.28
N GLY D 76 15.91 -8.54 -9.49
CA GLY D 76 15.27 -9.27 -8.39
C GLY D 76 13.96 -8.63 -8.03
N PRO D 77 13.51 -8.81 -6.78
CA PRO D 77 12.23 -8.26 -6.36
C PRO D 77 12.11 -6.75 -6.51
N ALA D 78 13.23 -6.04 -6.43
CA ALA D 78 13.24 -4.59 -6.65
C ALA D 78 12.70 -4.20 -8.01
N ALA D 79 12.83 -5.07 -9.01
CA ALA D 79 12.23 -4.82 -10.33
C ALA D 79 10.76 -4.51 -10.30
N ARG D 80 10.00 -5.09 -9.34
CA ARG D 80 8.58 -4.75 -9.18
C ARG D 80 8.33 -3.32 -8.70
N ARG D 81 9.36 -2.60 -8.32
CA ARG D 81 9.20 -1.26 -7.72
C ARG D 81 9.63 -0.15 -8.67
N CYS D 82 9.85 -0.46 -9.94
CA CYS D 82 10.18 0.59 -10.93
C CYS D 82 9.75 0.18 -12.32
N GLU D 83 9.86 1.14 -13.25
CA GLU D 83 9.78 0.89 -14.67
C GLU D 83 10.91 1.63 -15.38
N ILE D 84 11.22 1.14 -16.57
CA ILE D 84 12.25 1.79 -17.38
C ILE D 84 11.85 3.25 -17.58
N GLY D 85 12.84 4.11 -17.47
CA GLY D 85 12.68 5.54 -17.61
C GLY D 85 12.48 6.26 -16.30
N ASP D 86 12.19 5.55 -15.21
CA ASP D 86 12.01 6.23 -13.93
C ASP D 86 13.32 6.87 -13.51
N GLN D 87 13.21 7.96 -12.78
CA GLN D 87 14.37 8.66 -12.24
C GLN D 87 14.53 8.31 -10.81
N LEU D 88 15.76 7.97 -10.47
CA LEU D 88 16.13 7.56 -9.12
C LEU D 88 17.15 8.49 -8.50
N PHE D 89 17.10 8.56 -7.17
CA PHE D 89 18.20 9.00 -6.34
C PHE D 89 18.72 7.78 -5.61
N ILE D 90 20.04 7.66 -5.53
CA ILE D 90 20.69 6.51 -4.93
C ILE D 90 21.63 7.07 -3.87
N ILE D 91 21.41 6.65 -2.62
CA ILE D 91 21.98 7.30 -1.44
C ILE D 91 22.75 6.27 -0.62
N SER D 92 23.95 6.65 -0.18
CA SER D 92 24.68 5.77 0.74
C SER D 92 25.04 6.59 1.99
N TYR D 93 24.97 5.90 3.12
CA TYR D 93 25.21 6.49 4.42
C TYR D 93 26.46 5.87 5.05
N THR D 94 27.03 6.58 6.02
CA THR D 94 28.16 6.08 6.80
C THR D 94 27.92 6.38 8.28
N GLN D 95 28.38 5.49 9.17
CA GLN D 95 28.25 5.75 10.61
C GLN D 95 29.57 6.32 11.13
N VAL D 96 29.47 7.45 11.82
CA VAL D 96 30.64 8.21 12.26
C VAL D 96 30.41 8.87 13.62
N ASP D 97 31.50 9.35 14.21
CA ASP D 97 31.43 10.15 15.42
C ASP D 97 30.97 11.57 15.04
N PRO D 98 29.87 12.05 15.64
CA PRO D 98 29.32 13.35 15.25
C PRO D 98 30.19 14.55 15.66
N THR D 99 31.13 14.34 16.59
CA THR D 99 32.04 15.38 17.06
C THR D 99 33.32 15.46 16.22
N ARG D 100 33.75 14.33 15.65
CA ARG D 100 34.87 14.32 14.70
C ARG D 100 34.54 15.12 13.44
N GLU D 101 35.56 15.44 12.65
CA GLU D 101 35.41 16.27 11.45
C GLU D 101 34.27 15.79 10.56
N ASN D 102 33.46 16.73 10.09
CA ASN D 102 32.25 16.42 9.31
C ASN D 102 32.57 15.77 7.97
N ILE D 103 31.75 14.78 7.61
CA ILE D 103 31.87 14.09 6.32
C ILE D 103 31.24 14.95 5.23
N LYS D 104 32.02 15.27 4.20
CA LYS D 104 31.52 15.99 3.05
C LYS D 104 31.02 14.97 2.03
N PRO D 105 29.69 14.92 1.81
CA PRO D 105 29.18 13.89 0.90
C PRO D 105 29.62 14.10 -0.54
N LYS D 106 29.88 13.00 -1.24
CA LYS D 106 30.16 13.04 -2.69
C LYS D 106 28.84 13.04 -3.43
N LEU D 107 28.59 14.11 -4.18
CA LEU D 107 27.33 14.28 -4.91
C LEU D 107 27.58 14.17 -6.41
N VAL D 108 26.78 13.35 -7.07
CA VAL D 108 26.85 13.11 -8.50
C VAL D 108 25.49 13.41 -9.11
N ASP D 109 25.41 14.44 -9.93
CA ASP D 109 24.15 14.82 -10.55
C ASP D 109 24.19 14.38 -12.02
N LEU D 110 23.31 13.45 -12.38
CA LEU D 110 23.27 12.87 -13.72
C LEU D 110 22.25 13.50 -14.68
N LYS D 111 21.55 14.54 -14.25
CA LYS D 111 20.50 15.13 -15.09
C LYS D 111 21.13 15.86 -16.27
N MSE E 4 -28.19 3.70 -23.01
CA MSE E 4 -26.79 3.62 -22.50
C MSE E 4 -26.58 4.49 -21.25
O MSE E 4 -26.51 5.72 -21.37
CB MSE E 4 -25.81 4.07 -23.57
CG MSE E 4 -26.00 3.40 -24.90
SE MSE E 4 -24.87 4.29 -26.22
CE MSE E 4 -25.48 3.34 -27.84
N LEU E 5 -26.42 3.86 -20.10
CA LEU E 5 -26.42 4.56 -18.82
C LEU E 5 -25.01 5.01 -18.48
N ILE E 6 -24.89 6.14 -17.78
CA ILE E 6 -23.59 6.55 -17.21
C ILE E 6 -23.77 6.87 -15.75
N SER E 7 -22.67 6.89 -14.99
CA SER E 7 -22.72 7.27 -13.60
C SER E 7 -22.33 8.75 -13.47
N VAL E 8 -23.11 9.47 -12.68
CA VAL E 8 -22.86 10.90 -12.44
C VAL E 8 -23.02 11.20 -10.94
N LEU E 9 -22.36 12.27 -10.52
CA LEU E 9 -22.50 12.72 -9.12
C LEU E 9 -23.94 13.10 -8.79
N LYS E 10 -24.44 12.60 -7.66
CA LYS E 10 -25.76 12.94 -7.14
CA LYS E 10 -25.76 12.98 -7.16
C LYS E 10 -25.67 13.80 -5.89
N SER E 11 -24.73 13.47 -4.98
CA SER E 11 -24.61 14.12 -3.67
C SER E 11 -23.15 14.20 -3.24
N LYS E 12 -22.77 15.29 -2.59
CA LYS E 12 -21.44 15.40 -1.96
C LYS E 12 -21.49 16.18 -0.67
N ILE E 13 -20.96 15.58 0.38
CA ILE E 13 -20.77 16.22 1.66
C ILE E 13 -19.27 16.47 1.80
N SER E 14 -18.91 17.73 1.98
CA SER E 14 -17.53 18.15 2.05
C SER E 14 -17.17 18.61 3.43
N TYR E 15 -15.99 18.22 3.90
CA TYR E 15 -15.41 18.60 5.16
C TYR E 15 -16.19 18.06 6.38
N ALA E 16 -16.63 16.82 6.28
CA ALA E 16 -17.19 16.09 7.39
C ALA E 16 -16.03 15.66 8.29
N THR E 17 -16.06 15.99 9.57
CA THR E 17 -14.97 15.65 10.48
C THR E 17 -15.34 14.38 11.29
N VAL E 18 -14.45 13.41 11.27
CA VAL E 18 -14.67 12.15 12.00
C VAL E 18 -14.73 12.41 13.52
N THR E 19 -15.83 11.97 14.11
CA THR E 19 -16.06 12.13 15.54
C THR E 19 -15.88 10.84 16.31
N GLY E 20 -15.90 9.69 15.61
CA GLY E 20 -15.85 8.41 16.28
C GLY E 20 -15.47 7.29 15.31
N LYS E 21 -14.97 6.20 15.88
CA LYS E 21 -14.66 5.00 15.10
C LYS E 21 -14.81 3.77 16.00
N ASP E 22 -15.35 2.70 15.42
CA ASP E 22 -15.76 1.51 16.15
C ASP E 22 -15.48 0.30 15.28
N LEU E 23 -14.31 -0.29 15.44
CA LEU E 23 -13.93 -1.46 14.61
C LEU E 23 -14.93 -2.61 14.84
N PHE E 24 -15.23 -2.90 16.10
CA PHE E 24 -16.07 -4.07 16.39
C PHE E 24 -17.54 -3.69 16.46
N TYR E 25 -18.03 -3.22 15.32
CA TYR E 25 -19.40 -2.72 15.22
C TYR E 25 -20.44 -3.83 15.30
N VAL E 26 -21.47 -3.59 16.08
CA VAL E 26 -22.58 -4.54 16.19
C VAL E 26 -23.91 -3.93 15.71
N SER E 28 -19.15 0.43 8.54
CA SER E 28 -19.82 1.31 7.58
C SER E 28 -19.64 2.78 8.04
N ILE E 29 -20.40 3.72 7.52
CA ILE E 29 -20.27 5.14 7.97
C ILE E 29 -21.59 5.62 8.53
N THR E 30 -21.54 6.12 9.78
CA THR E 30 -22.70 6.69 10.44
C THR E 30 -22.65 8.19 10.30
N ILE E 31 -23.71 8.76 9.75
CA ILE E 31 -23.81 10.22 9.49
C ILE E 31 -25.07 10.77 10.13
N ASP E 32 -24.95 11.86 10.88
CA ASP E 32 -26.07 12.69 11.35
C ASP E 32 -27.19 12.72 10.31
N SER E 33 -28.39 12.30 10.68
CA SER E 33 -29.45 12.13 9.72
C SER E 33 -29.87 13.44 9.08
N GLU E 34 -29.63 14.55 9.76
CA GLU E 34 -29.92 15.87 9.19
C GLU E 34 -28.96 16.24 8.08
N ILE E 35 -27.71 15.83 8.23
CA ILE E 35 -26.72 16.05 7.18
C ILE E 35 -27.08 15.17 5.97
N MSE E 36 -27.45 13.93 6.22
CA MSE E 36 -27.91 13.04 5.15
C MSE E 36 -29.08 13.65 4.38
O MSE E 36 -29.09 13.63 3.13
CB MSE E 36 -28.32 11.68 5.72
CG MSE E 36 -27.23 10.91 6.39
SE MSE E 36 -27.93 9.31 7.26
CE MSE E 36 -29.02 8.54 5.85
N LYS E 37 -30.03 14.24 5.09
CA LYS E 37 -31.21 14.85 4.44
C LYS E 37 -30.77 16.00 3.53
N GLN E 38 -29.83 16.81 4.02
CA GLN E 38 -29.31 17.95 3.25
C GLN E 38 -28.68 17.48 1.96
N ALA E 39 -27.99 16.34 2.02
CA ALA E 39 -27.29 15.79 0.84
C ALA E 39 -28.13 14.83 0.01
N ASN E 40 -29.39 14.61 0.38
CA ASN E 40 -30.25 13.66 -0.30
CA ASN E 40 -30.26 13.65 -0.29
C ASN E 40 -29.64 12.25 -0.34
N ILE E 41 -29.01 11.86 0.76
CA ILE E 41 -28.46 10.51 0.93
C ILE E 41 -29.42 9.76 1.84
N ILE E 42 -29.78 8.55 1.45
CA ILE E 42 -30.71 7.76 2.27
C ILE E 42 -29.99 6.65 3.03
N GLU E 43 -30.64 6.13 4.07
CA GLU E 43 -30.10 5.03 4.83
C GLU E 43 -29.85 3.85 3.92
N ASN E 44 -28.67 3.24 4.13
CA ASN E 44 -28.19 2.08 3.42
C ASN E 44 -27.69 2.38 2.01
N GLU E 45 -27.64 3.64 1.62
CA GLU E 45 -27.09 4.05 0.33
C GLU E 45 -25.59 3.83 0.27
N LYS E 46 -25.10 3.34 -0.87
CA LYS E 46 -23.67 3.21 -1.09
C LYS E 46 -23.04 4.60 -1.30
N VAL E 47 -21.89 4.82 -0.65
CA VAL E 47 -21.15 6.05 -0.79
C VAL E 47 -19.66 5.78 -0.95
N GLN E 48 -18.99 6.73 -1.56
CA GLN E 48 -17.53 6.77 -1.59
C GLN E 48 -17.09 7.73 -0.51
N VAL E 49 -16.14 7.33 0.31
CA VAL E 49 -15.64 8.13 1.39
C VAL E 49 -14.16 8.35 1.14
N VAL E 50 -13.74 9.60 1.04
CA VAL E 50 -12.37 9.94 0.77
C VAL E 50 -11.86 10.88 1.85
N ASN E 51 -10.62 10.65 2.24
CA ASN E 51 -10.04 11.24 3.44
C ASN E 51 -8.91 12.24 3.11
N LEU E 52 -9.09 13.50 3.50
CA LEU E 52 -8.12 14.59 3.18
C LEU E 52 -6.81 14.43 3.96
N ASN E 53 -6.85 13.81 5.13
CA ASN E 53 -5.67 13.67 5.98
C ASN E 53 -4.74 12.63 5.46
N ASN E 54 -5.30 11.47 5.17
CA ASN E 54 -4.48 10.30 4.79
C ASN E 54 -4.60 9.81 3.36
N GLY E 55 -5.49 10.38 2.56
CA GLY E 55 -5.70 10.03 1.17
C GLY E 55 -6.50 8.75 0.93
N GLU E 56 -6.93 8.08 2.00
CA GLU E 56 -7.69 6.82 1.80
C GLU E 56 -8.97 7.04 1.06
N ARG E 57 -9.30 6.06 0.23
CA ARG E 57 -10.53 6.06 -0.57
C ARG E 57 -11.18 4.72 -0.38
N LEU E 58 -12.50 4.73 -0.04
CA LEU E 58 -13.18 3.46 0.17
C LEU E 58 -14.66 3.65 -0.16
N GLU E 59 -15.35 2.55 -0.35
CA GLU E 59 -16.77 2.53 -0.59
C GLU E 59 -17.43 1.73 0.53
N THR E 60 -18.55 2.27 1.02
CA THR E 60 -19.32 1.61 2.06
C THR E 60 -20.76 2.06 1.99
N TYR E 61 -21.57 1.75 3.00
CA TYR E 61 -22.94 2.16 3.04
C TYR E 61 -23.16 3.04 4.28
N VAL E 62 -24.25 3.78 4.23
CA VAL E 62 -24.59 4.81 5.24
C VAL E 62 -25.56 4.29 6.29
N ILE E 63 -25.22 4.56 7.54
CA ILE E 63 -26.06 4.26 8.72
C ILE E 63 -26.53 5.62 9.26
N LYS E 64 -27.81 5.75 9.61
CA LYS E 64 -28.32 7.00 10.19
C LYS E 64 -27.75 7.25 11.60
N GLY E 65 -27.19 8.43 11.80
CA GLY E 65 -26.79 8.92 13.09
C GLY E 65 -27.90 9.86 13.60
N GLU E 66 -27.81 10.19 14.86
CA GLU E 66 -28.86 10.97 15.49
C GLU E 66 -28.93 12.38 14.87
N PRO E 67 -30.14 12.88 14.61
CA PRO E 67 -30.22 14.21 14.01
C PRO E 67 -29.58 15.29 14.86
N ASN E 68 -28.82 16.16 14.22
CA ASN E 68 -28.17 17.28 14.85
C ASN E 68 -27.07 16.88 15.82
N SER E 69 -26.62 15.62 15.77
CA SER E 69 -25.48 15.18 16.57
C SER E 69 -24.13 15.58 15.99
N LYS E 70 -24.11 15.90 14.69
CA LYS E 70 -22.89 16.06 13.91
C LYS E 70 -22.02 14.78 13.85
N THR E 71 -22.58 13.62 14.19
CA THR E 71 -21.83 12.37 14.11
C THR E 71 -21.35 12.07 12.74
N ILE E 72 -20.06 11.75 12.65
CA ILE E 72 -19.46 11.12 11.47
C ILE E 72 -18.56 10.02 12.02
N ALA E 73 -19.00 8.75 11.91
CA ALA E 73 -18.28 7.66 12.54
C ALA E 73 -18.03 6.57 11.53
N LEU E 74 -16.81 6.10 11.48
CA LEU E 74 -16.47 4.96 10.61
CA LEU E 74 -16.44 4.96 10.62
C LEU E 74 -16.38 3.71 11.49
N ASN E 75 -17.14 2.70 11.10
CA ASN E 75 -17.40 1.49 11.86
C ASN E 75 -16.88 0.29 11.08
N GLY E 76 -16.57 -0.80 11.77
CA GLY E 76 -16.17 -2.00 11.02
C GLY E 76 -14.75 -1.80 10.51
N PRO E 77 -14.37 -2.53 9.46
CA PRO E 77 -13.03 -2.41 8.95
C PRO E 77 -12.65 -1.00 8.48
N ALA E 78 -13.64 -0.19 8.11
CA ALA E 78 -13.38 1.20 7.70
C ALA E 78 -12.70 1.98 8.82
N ALA E 79 -12.93 1.57 10.08
CA ALA E 79 -12.26 2.20 11.21
C ALA E 79 -10.74 2.18 11.10
N ARG E 80 -10.16 1.17 10.46
CA ARG E 80 -8.73 1.11 10.27
C ARG E 80 -8.18 2.14 9.29
N ARG E 81 -9.06 2.81 8.57
CA ARG E 81 -8.64 3.72 7.50
C ARG E 81 -8.82 5.20 7.84
N CYS E 82 -9.01 5.50 9.12
CA CYS E 82 -9.16 6.90 9.55
C CYS E 82 -8.79 7.05 11.00
N GLU E 83 -8.71 8.31 11.43
CA GLU E 83 -8.57 8.65 12.84
C GLU E 83 -9.53 9.77 13.13
N ILE E 84 -9.91 9.86 14.40
CA ILE E 84 -10.76 10.94 14.86
C ILE E 84 -10.11 12.29 14.49
N GLY E 85 -10.94 13.20 14.01
CA GLY E 85 -10.51 14.50 13.53
C GLY E 85 -10.19 14.62 12.05
N ASP E 86 -10.08 13.48 11.36
CA ASP E 86 -9.84 13.51 9.93
C ASP E 86 -11.03 14.16 9.21
N GLN E 87 -10.70 14.84 8.14
CA GLN E 87 -11.67 15.51 7.27
CA GLN E 87 -11.70 15.49 7.30
C GLN E 87 -12.00 14.61 6.09
N LEU E 88 -13.29 14.38 5.87
CA LEU E 88 -13.76 13.51 4.80
C LEU E 88 -14.59 14.26 3.78
N PHE E 89 -14.59 13.76 2.57
CA PHE E 89 -15.66 14.03 1.60
C PHE E 89 -16.43 12.72 1.44
N ILE E 90 -17.76 12.83 1.35
CA ILE E 90 -18.66 11.71 1.23
C ILE E 90 -19.49 11.94 -0.04
N ILE E 91 -19.39 10.99 -0.98
CA ILE E 91 -19.89 11.15 -2.36
C ILE E 91 -20.88 10.04 -2.71
N SER E 92 -22.01 10.37 -3.36
CA SER E 92 -22.86 9.33 -3.93
CA SER E 92 -22.96 9.38 -3.89
C SER E 92 -23.11 9.66 -5.39
N TYR E 93 -23.27 8.57 -6.14
CA TYR E 93 -23.45 8.59 -7.59
C TYR E 93 -24.78 7.97 -7.94
N THR E 94 -25.27 8.34 -9.11
CA THR E 94 -26.47 7.76 -9.68
C THR E 94 -26.21 7.36 -11.15
N GLN E 95 -26.82 6.25 -11.61
CA GLN E 95 -26.77 5.81 -13.02
C GLN E 95 -27.96 6.46 -13.72
N VAL E 96 -27.68 7.17 -14.81
CA VAL E 96 -28.71 7.85 -15.60
C VAL E 96 -28.54 7.63 -17.10
N ASP E 97 -29.65 7.75 -17.83
CA ASP E 97 -29.62 7.82 -19.27
C ASP E 97 -29.24 9.24 -19.60
N PRO E 98 -28.05 9.44 -20.19
CA PRO E 98 -27.58 10.79 -20.41
C PRO E 98 -28.36 11.56 -21.50
N THR E 99 -29.28 10.91 -22.21
CA THR E 99 -30.21 11.62 -23.11
C THR E 99 -31.33 12.34 -22.33
N ARG E 100 -31.57 11.92 -21.08
CA ARG E 100 -32.45 12.64 -20.16
C ARG E 100 -31.77 13.89 -19.59
N GLU E 101 -32.56 14.77 -18.95
CA GLU E 101 -32.03 16.01 -18.33
C GLU E 101 -30.94 15.72 -17.29
N ASN E 102 -29.97 16.63 -17.20
CA ASN E 102 -28.83 16.42 -16.31
C ASN E 102 -29.24 16.39 -14.83
N ILE E 103 -28.50 15.59 -14.05
CA ILE E 103 -28.64 15.57 -12.60
C ILE E 103 -27.87 16.77 -12.03
N LYS E 104 -28.54 17.57 -11.22
CA LYS E 104 -27.88 18.67 -10.54
C LYS E 104 -27.48 18.15 -9.15
N PRO E 105 -26.16 18.02 -8.89
CA PRO E 105 -25.79 17.41 -7.61
C PRO E 105 -26.16 18.28 -6.41
N LYS E 106 -26.54 17.62 -5.33
CA LYS E 106 -26.79 18.28 -4.06
C LYS E 106 -25.47 18.36 -3.30
N LEU E 107 -25.00 19.59 -3.05
CA LEU E 107 -23.71 19.81 -2.40
C LEU E 107 -23.92 20.38 -1.00
N VAL E 108 -23.25 19.79 -0.02
CA VAL E 108 -23.34 20.21 1.37
C VAL E 108 -21.91 20.46 1.83
N ASP E 109 -21.58 21.70 2.14
CA ASP E 109 -20.25 22.05 2.62
C ASP E 109 -20.33 22.35 4.11
N LEU E 110 -19.67 21.54 4.92
CA LEU E 110 -19.75 21.61 6.37
C LEU E 110 -18.66 22.48 7.02
N LYS E 111 -17.70 22.97 6.23
CA LYS E 111 -16.55 23.67 6.82
C LYS E 111 -17.00 25.01 7.39
N MSE F 4 -33.37 -4.32 -7.35
CA MSE F 4 -33.95 -4.60 -8.69
C MSE F 4 -32.89 -5.02 -9.74
O MSE F 4 -33.21 -5.78 -10.65
CB MSE F 4 -34.74 -3.40 -9.19
CG MSE F 4 -35.30 -3.57 -10.59
SE MSE F 4 -37.24 -3.33 -10.67
CE MSE F 4 -37.79 -4.70 -9.36
N LEU F 5 -31.66 -4.52 -9.62
CA LEU F 5 -30.56 -5.09 -10.41
C LEU F 5 -29.46 -5.50 -9.42
N ILE F 6 -28.82 -6.63 -9.71
CA ILE F 6 -27.60 -7.02 -8.98
C ILE F 6 -26.51 -7.34 -9.98
N SER F 7 -25.27 -7.34 -9.50
CA SER F 7 -24.13 -7.71 -10.34
C SER F 7 -23.80 -9.19 -10.08
N VAL F 8 -23.61 -9.93 -11.19
CA VAL F 8 -23.22 -11.34 -11.12
C VAL F 8 -22.13 -11.63 -12.13
N LEU F 9 -21.36 -12.68 -11.82
CA LEU F 9 -20.31 -13.12 -12.74
C LEU F 9 -20.86 -13.54 -14.10
N LYS F 10 -20.24 -13.02 -15.17
CA LYS F 10 -20.58 -13.35 -16.55
C LYS F 10 -19.49 -14.18 -17.20
N SER F 11 -18.21 -13.87 -16.94
CA SER F 11 -17.09 -14.51 -17.63
C SER F 11 -15.89 -14.53 -16.71
N LYS F 12 -15.10 -15.58 -16.78
CA LYS F 12 -13.83 -15.68 -16.05
C LYS F 12 -12.82 -16.44 -16.86
N ILE F 13 -11.65 -15.84 -17.03
CA ILE F 13 -10.49 -16.45 -17.62
C ILE F 13 -9.50 -16.70 -16.50
N SER F 14 -9.17 -17.96 -16.25
CA SER F 14 -8.28 -18.34 -15.18
C SER F 14 -6.92 -18.79 -15.70
N TYR F 15 -5.87 -18.33 -15.04
CA TYR F 15 -4.48 -18.72 -15.27
C TYR F 15 -3.98 -18.22 -16.61
N ALA F 16 -4.37 -16.99 -16.94
CA ALA F 16 -3.75 -16.23 -18.05
C ALA F 16 -2.36 -15.77 -17.63
N THR F 17 -1.33 -16.06 -18.41
CA THR F 17 0.03 -15.74 -18.03
C THR F 17 0.46 -14.48 -18.80
N VAL F 18 0.95 -13.48 -18.08
CA VAL F 18 1.36 -12.21 -18.69
C VAL F 18 2.54 -12.44 -19.64
N THR F 19 2.35 -12.04 -20.88
CA THR F 19 3.39 -12.14 -21.93
C THR F 19 4.15 -10.85 -22.24
N GLY F 20 3.55 -9.71 -21.89
CA GLY F 20 4.12 -8.42 -22.21
C GLY F 20 3.53 -7.33 -21.35
N LYS F 21 4.24 -6.21 -21.32
CA LYS F 21 3.78 -5.03 -20.59
C LYS F 21 4.44 -3.79 -21.21
N ASP F 22 3.61 -2.75 -21.38
CA ASP F 22 3.91 -1.52 -22.14
C ASP F 22 3.37 -0.33 -21.37
N LEU F 23 4.17 0.28 -20.50
CA LEU F 23 3.68 1.45 -19.78
C LEU F 23 3.25 2.56 -20.77
N PHE F 24 4.08 2.86 -21.76
CA PHE F 24 3.81 4.00 -22.63
C PHE F 24 3.01 3.61 -23.88
N TYR F 25 1.80 3.12 -23.60
CA TYR F 25 0.91 2.60 -24.64
C TYR F 25 0.32 3.71 -25.49
N VAL F 26 0.33 3.50 -26.81
CA VAL F 26 -0.23 4.46 -27.75
C VAL F 26 -1.41 3.82 -28.52
N SER F 28 -4.28 -0.62 -20.59
CA SER F 28 -5.41 -1.51 -20.41
C SER F 28 -4.92 -2.96 -20.56
N ILE F 29 -5.79 -3.93 -20.84
CA ILE F 29 -5.32 -5.32 -20.98
C ILE F 29 -5.59 -5.81 -22.38
N THR F 30 -4.55 -6.29 -23.04
CA THR F 30 -4.66 -6.91 -24.37
C THR F 30 -4.71 -8.41 -24.23
N ILE F 31 -5.75 -8.98 -24.83
CA ILE F 31 -6.04 -10.44 -24.75
C ILE F 31 -6.25 -11.01 -26.15
N ASP F 32 -5.56 -12.09 -26.44
CA ASP F 32 -5.78 -12.91 -27.67
C ASP F 32 -7.28 -12.97 -27.95
N SER F 33 -7.71 -12.55 -29.15
CA SER F 33 -9.13 -12.46 -29.44
C SER F 33 -9.84 -13.82 -29.42
N GLU F 34 -9.09 -14.91 -29.61
CA GLU F 34 -9.69 -16.24 -29.50
C GLU F 34 -10.03 -16.60 -28.06
N ILE F 35 -9.22 -16.13 -27.12
CA ILE F 35 -9.48 -16.35 -25.68
C ILE F 35 -10.68 -15.48 -25.29
N MSE F 36 -10.74 -14.25 -25.79
CA MSE F 36 -11.87 -13.38 -25.53
C MSE F 36 -13.18 -14.03 -25.99
O MSE F 36 -14.19 -13.99 -25.28
CB MSE F 36 -11.70 -12.01 -26.21
CG MSE F 36 -10.60 -11.18 -25.64
SE MSE F 36 -10.24 -9.66 -26.78
CE MSE F 36 -12.04 -8.89 -26.81
N LYS F 37 -13.16 -14.62 -27.20
CA LYS F 37 -14.34 -15.26 -27.77
C LYS F 37 -14.80 -16.44 -26.89
N GLN F 38 -13.87 -17.26 -26.42
CA GLN F 38 -14.18 -18.37 -25.51
C GLN F 38 -14.85 -17.90 -24.22
N ALA F 39 -14.40 -16.74 -23.75
CA ALA F 39 -14.91 -16.15 -22.50
C ALA F 39 -16.15 -15.27 -22.68
N ASN F 40 -16.62 -15.10 -23.92
CA ASN F 40 -17.68 -14.15 -24.24
CA ASN F 40 -17.68 -14.15 -24.25
C ASN F 40 -17.38 -12.73 -23.72
N ILE F 41 -16.12 -12.31 -23.87
CA ILE F 41 -15.73 -10.95 -23.55
C ILE F 41 -15.54 -10.18 -24.86
N ILE F 42 -16.07 -8.98 -24.95
CA ILE F 42 -15.97 -8.17 -26.18
C ILE F 42 -14.96 -7.03 -26.03
N GLU F 43 -14.49 -6.52 -27.16
CA GLU F 43 -13.54 -5.42 -27.14
C GLU F 43 -14.17 -4.26 -26.38
N ASN F 44 -13.33 -3.59 -25.59
CA ASN F 44 -13.67 -2.44 -24.78
C ASN F 44 -14.54 -2.76 -23.56
N GLU F 45 -14.79 -4.03 -23.29
CA GLU F 45 -15.51 -4.43 -22.04
C GLU F 45 -14.68 -4.18 -20.81
N LYS F 46 -15.33 -3.69 -19.76
CA LYS F 46 -14.68 -3.53 -18.47
C LYS F 46 -14.46 -4.92 -17.82
N VAL F 47 -13.26 -5.12 -17.28
CA VAL F 47 -12.90 -6.33 -16.60
C VAL F 47 -12.19 -6.04 -15.31
N GLN F 48 -12.33 -6.97 -14.38
CA GLN F 48 -11.48 -7.01 -13.20
C GLN F 48 -10.31 -7.92 -13.46
N VAL F 49 -9.08 -7.50 -13.12
CA VAL F 49 -7.90 -8.28 -13.32
C VAL F 49 -7.24 -8.49 -11.98
N VAL F 50 -7.06 -9.74 -11.60
CA VAL F 50 -6.47 -10.06 -10.30
C VAL F 50 -5.26 -10.97 -10.52
N ASN F 51 -4.23 -10.75 -9.76
CA ASN F 51 -2.88 -11.28 -9.97
C ASN F 51 -2.49 -12.25 -8.84
N LEU F 52 -2.26 -13.51 -9.20
CA LEU F 52 -1.94 -14.53 -8.21
CA LEU F 52 -1.91 -14.56 -8.25
C LEU F 52 -0.55 -14.37 -7.60
N ASN F 53 0.38 -13.76 -8.30
CA ASN F 53 1.75 -13.58 -7.84
C ASN F 53 1.84 -12.50 -6.78
N ASN F 54 1.25 -11.36 -7.08
CA ASN F 54 1.41 -10.19 -6.22
C ASN F 54 0.17 -9.75 -5.49
N GLY F 55 -0.98 -10.35 -5.79
CA GLY F 55 -2.23 -10.05 -5.13
C GLY F 55 -2.91 -8.75 -5.60
N GLU F 56 -2.34 -8.07 -6.58
CA GLU F 56 -2.93 -6.82 -7.09
C GLU F 56 -4.29 -7.05 -7.71
N ARG F 57 -5.21 -6.10 -7.52
CA ARG F 57 -6.55 -6.13 -8.08
C ARG F 57 -6.84 -4.81 -8.73
N LEU F 58 -7.30 -4.85 -9.99
CA LEU F 58 -7.55 -3.60 -10.70
C LEU F 58 -8.70 -3.80 -11.66
N GLU F 59 -9.25 -2.71 -12.13
CA GLU F 59 -10.25 -2.70 -13.16
C GLU F 59 -9.73 -1.92 -14.36
N THR F 60 -10.00 -2.48 -15.55
CA THR F 60 -9.61 -1.83 -16.77
C THR F 60 -10.48 -2.31 -17.92
N TYR F 61 -10.14 -1.98 -19.17
CA TYR F 61 -10.92 -2.44 -20.30
C TYR F 61 -10.04 -3.31 -21.22
N VAL F 62 -10.70 -4.07 -22.08
CA VAL F 62 -10.07 -5.10 -22.90
C VAL F 62 -9.79 -4.61 -24.32
N ILE F 63 -8.57 -4.84 -24.77
CA ILE F 63 -8.14 -4.57 -26.16
C ILE F 63 -7.93 -5.91 -26.83
N LYS F 64 -8.35 -6.05 -28.09
CA LYS F 64 -8.10 -7.32 -28.82
C LYS F 64 -6.62 -7.51 -29.18
N GLY F 65 -6.10 -8.67 -28.81
CA GLY F 65 -4.83 -9.16 -29.27
C GLY F 65 -5.00 -10.09 -30.47
N GLU F 66 -3.91 -10.38 -31.14
CA GLU F 66 -3.99 -11.18 -32.33
C GLU F 66 -4.52 -12.59 -32.02
N PRO F 67 -5.40 -13.14 -32.88
CA PRO F 67 -5.95 -14.48 -32.64
C PRO F 67 -4.84 -15.52 -32.62
N ASN F 68 -4.90 -16.39 -31.62
CA ASN F 68 -3.98 -17.49 -31.43
C ASN F 68 -2.57 -17.06 -31.05
N SER F 69 -2.39 -15.79 -30.65
CA SER F 69 -1.11 -15.32 -30.20
C SER F 69 -0.76 -15.72 -28.77
N LYS F 70 -1.81 -16.01 -28.00
CA LYS F 70 -1.75 -16.21 -26.57
C LYS F 70 -1.37 -14.92 -25.80
N THR F 71 -1.42 -13.78 -26.46
CA THR F 71 -1.08 -12.51 -25.81
C THR F 71 -1.93 -12.21 -24.60
N ILE F 72 -1.25 -11.89 -23.49
CA ILE F 72 -1.89 -11.28 -22.30
C ILE F 72 -0.92 -10.17 -21.89
N ALA F 73 -1.32 -8.93 -22.20
CA ALA F 73 -0.41 -7.80 -21.99
C ALA F 73 -1.10 -6.69 -21.23
N LEU F 74 -0.40 -6.17 -20.25
CA LEU F 74 -0.94 -5.05 -19.46
CA LEU F 74 -0.91 -5.05 -19.46
C LEU F 74 -0.20 -3.79 -19.90
N ASN F 75 -0.99 -2.81 -20.31
CA ASN F 75 -0.62 -1.58 -20.99
CA ASN F 75 -0.41 -1.61 -20.85
C ASN F 75 -0.90 -0.38 -20.10
N GLY F 76 -0.21 0.72 -20.30
CA GLY F 76 -0.57 1.89 -19.51
C GLY F 76 -0.19 1.72 -18.07
N PRO F 77 -0.83 2.48 -17.16
CA PRO F 77 -0.46 2.36 -15.77
C PRO F 77 -0.59 0.98 -15.16
N ALA F 78 -1.48 0.15 -15.70
CA ALA F 78 -1.61 -1.23 -15.25
C ALA F 78 -0.31 -2.00 -15.35
N ALA F 79 0.58 -1.60 -16.26
CA ALA F 79 1.89 -2.21 -16.37
C ALA F 79 2.70 -2.18 -15.08
N ARG F 80 2.49 -1.16 -14.25
CA ARG F 80 3.20 -1.08 -12.98
C ARG F 80 2.72 -2.10 -11.94
N ARG F 81 1.61 -2.77 -12.21
CA ARG F 81 0.98 -3.68 -11.26
C ARG F 81 1.20 -5.16 -11.59
N CYS F 82 2.11 -5.45 -12.54
CA CYS F 82 2.42 -6.84 -12.87
C CYS F 82 3.85 -6.98 -13.38
N GLU F 83 4.27 -8.24 -13.56
CA GLU F 83 5.46 -8.55 -14.30
C GLU F 83 5.17 -9.70 -15.23
N ILE F 84 6.03 -9.78 -16.27
CA ILE F 84 5.93 -10.88 -17.22
C ILE F 84 6.06 -12.19 -16.46
N GLY F 85 5.21 -13.13 -16.83
CA GLY F 85 5.11 -14.42 -16.18
C GLY F 85 4.07 -14.54 -15.08
N ASP F 86 3.55 -13.42 -14.60
CA ASP F 86 2.53 -13.48 -13.57
C ASP F 86 1.25 -14.15 -14.09
N GLN F 87 0.57 -14.85 -13.19
CA GLN F 87 -0.70 -15.53 -13.48
CA GLN F 87 -0.69 -15.51 -13.54
C GLN F 87 -1.83 -14.64 -13.06
N LEU F 88 -2.75 -14.42 -13.97
CA LEU F 88 -3.94 -13.61 -13.75
C LEU F 88 -5.22 -14.40 -13.84
N PHE F 89 -6.21 -13.92 -13.12
CA PHE F 89 -7.63 -14.20 -13.42
C PHE F 89 -8.22 -12.92 -13.97
N ILE F 90 -9.10 -13.04 -14.97
CA ILE F 90 -9.72 -11.90 -15.66
C ILE F 90 -11.21 -12.16 -15.61
N ILE F 91 -11.93 -11.23 -15.00
CA ILE F 91 -13.34 -11.41 -14.59
C ILE F 91 -14.20 -10.32 -15.17
N SER F 92 -15.39 -10.67 -15.68
CA SER F 92 -16.37 -9.70 -16.13
CA SER F 92 -16.36 -9.67 -16.06
C SER F 92 -17.72 -9.98 -15.44
N TYR F 93 -18.43 -8.91 -15.12
CA TYR F 93 -19.70 -8.98 -14.43
C TYR F 93 -20.78 -8.40 -15.32
N THR F 94 -22.02 -8.75 -14.99
CA THR F 94 -23.18 -8.18 -15.66
C THR F 94 -24.22 -7.79 -14.59
N GLN F 95 -24.97 -6.70 -14.85
CA GLN F 95 -26.09 -6.28 -13.98
C GLN F 95 -27.34 -6.96 -14.52
N VAL F 96 -28.04 -7.70 -13.67
CA VAL F 96 -29.24 -8.43 -14.06
C VAL F 96 -30.37 -8.22 -13.07
N ASP F 97 -31.59 -8.35 -13.58
CA ASP F 97 -32.76 -8.39 -12.74
C ASP F 97 -32.77 -9.76 -12.11
N PRO F 98 -32.63 -9.83 -10.79
CA PRO F 98 -32.49 -11.15 -10.19
C PRO F 98 -33.77 -12.02 -10.29
N THR F 99 -34.91 -11.43 -10.67
CA THR F 99 -36.14 -12.21 -10.84
C THR F 99 -36.08 -13.08 -12.10
N ARG F 100 -35.29 -12.68 -13.09
CA ARG F 100 -35.10 -13.49 -14.30
C ARG F 100 -34.06 -14.61 -14.08
N GLU F 101 -33.96 -15.53 -15.05
CA GLU F 101 -33.14 -16.75 -14.91
C GLU F 101 -31.67 -16.42 -14.64
N ASN F 102 -31.01 -17.27 -13.86
CA ASN F 102 -29.60 -17.07 -13.51
C ASN F 102 -28.71 -17.10 -14.75
N ILE F 103 -27.75 -16.19 -14.75
CA ILE F 103 -26.68 -16.16 -15.74
C ILE F 103 -25.72 -17.31 -15.44
N LYS F 104 -25.44 -18.14 -16.43
CA LYS F 104 -24.45 -19.20 -16.29
C LYS F 104 -23.10 -18.64 -16.77
N PRO F 105 -22.12 -18.47 -15.86
CA PRO F 105 -20.90 -17.84 -16.35
C PRO F 105 -20.11 -18.69 -17.32
N LYS F 106 -19.43 -18.02 -18.25
CA LYS F 106 -18.54 -18.70 -19.21
C LYS F 106 -17.17 -18.72 -18.56
N LEU F 107 -16.67 -19.93 -18.34
CA LEU F 107 -15.40 -20.14 -17.63
C LEU F 107 -14.37 -20.71 -18.59
N VAL F 108 -13.20 -20.06 -18.65
CA VAL F 108 -12.09 -20.50 -19.51
C VAL F 108 -10.89 -20.74 -18.61
N ASP F 109 -10.41 -21.97 -18.54
CA ASP F 109 -9.24 -22.29 -17.71
C ASP F 109 -8.07 -22.56 -18.64
N LEU F 110 -7.08 -21.70 -18.58
CA LEU F 110 -5.93 -21.75 -19.46
C LEU F 110 -4.76 -22.58 -18.91
N LYS F 111 -4.90 -23.16 -17.72
CA LYS F 111 -3.75 -23.80 -17.07
C LYS F 111 -3.43 -25.11 -17.76
N MSE G 4 -33.39 8.08 -11.87
CA MSE G 4 -32.15 7.69 -11.12
C MSE G 4 -32.16 6.20 -10.79
O MSE G 4 -33.20 5.64 -10.43
CB MSE G 4 -32.06 8.46 -9.78
CG MSE G 4 -31.60 9.93 -9.87
SE MSE G 4 -30.82 10.53 -8.16
CE MSE G 4 -31.05 12.46 -8.38
N LEU G 5 -31.01 5.54 -10.93
CA LEU G 5 -30.78 4.28 -10.23
C LEU G 5 -29.68 4.60 -9.24
N ILE G 6 -29.83 4.15 -8.01
CA ILE G 6 -28.72 4.23 -7.05
C ILE G 6 -28.44 2.87 -6.48
N SER G 7 -27.25 2.70 -5.93
CA SER G 7 -26.87 1.48 -5.25
C SER G 7 -27.19 1.59 -3.75
N VAL G 8 -27.82 0.56 -3.23
CA VAL G 8 -28.17 0.47 -1.81
C VAL G 8 -27.80 -0.93 -1.29
N LEU G 9 -27.56 -1.01 0.01
CA LEU G 9 -27.30 -2.30 0.65
C LEU G 9 -28.47 -3.27 0.49
N LYS G 10 -28.14 -4.49 0.04
CA LYS G 10 -29.10 -5.59 -0.04
C LYS G 10 -28.92 -6.63 1.05
N SER G 11 -27.67 -6.99 1.36
CA SER G 11 -27.32 -8.09 2.26
C SER G 11 -26.04 -7.77 2.97
N LYS G 12 -25.91 -8.21 4.22
CA LYS G 12 -24.64 -8.14 4.96
C LYS G 12 -24.51 -9.28 5.90
N ILE G 13 -23.40 -10.00 5.77
CA ILE G 13 -22.97 -11.02 6.70
C ILE G 13 -21.86 -10.46 7.56
N SER G 14 -22.07 -10.40 8.88
CA SER G 14 -21.09 -9.84 9.80
C SER G 14 -20.44 -10.91 10.62
N TYR G 15 -19.13 -10.79 10.84
CA TYR G 15 -18.32 -11.64 11.69
C TYR G 15 -18.18 -13.05 11.15
N ALA G 16 -18.02 -13.16 9.84
CA ALA G 16 -17.71 -14.42 9.16
C ALA G 16 -16.22 -14.69 9.38
N THR G 17 -15.89 -15.83 9.98
CA THR G 17 -14.50 -16.10 10.33
C THR G 17 -13.88 -16.96 9.22
N VAL G 18 -12.75 -16.56 8.69
CA VAL G 18 -12.08 -17.33 7.60
C VAL G 18 -11.61 -18.68 8.13
N THR G 19 -12.03 -19.73 7.43
CA THR G 19 -11.70 -21.10 7.77
C THR G 19 -10.64 -21.72 6.88
N GLY G 20 -10.47 -21.15 5.69
CA GLY G 20 -9.58 -21.74 4.69
C GLY G 20 -9.16 -20.70 3.66
N LYS G 21 -8.04 -20.98 2.99
CA LYS G 21 -7.59 -20.14 1.89
C LYS G 21 -6.75 -20.98 0.93
N ASP G 22 -6.99 -20.75 -0.37
CA ASP G 22 -6.47 -21.57 -1.48
C ASP G 22 -6.03 -20.63 -2.59
N LEU G 23 -4.76 -20.25 -2.63
CA LEU G 23 -4.28 -19.36 -3.71
C LEU G 23 -4.49 -20.01 -5.08
N PHE G 24 -4.15 -21.28 -5.20
CA PHE G 24 -4.15 -21.89 -6.54
C PHE G 24 -5.45 -22.64 -6.81
N TYR G 25 -6.53 -21.87 -6.84
CA TYR G 25 -7.89 -22.41 -6.93
C TYR G 25 -8.19 -22.97 -8.33
N VAL G 26 -8.74 -24.17 -8.38
CA VAL G 26 -9.17 -24.80 -9.64
C VAL G 26 -10.70 -24.87 -9.68
N SER G 28 -11.82 -16.39 -5.36
CA SER G 28 -13.11 -15.80 -5.03
C SER G 28 -13.45 -16.15 -3.57
N ILE G 29 -14.71 -16.04 -3.15
CA ILE G 29 -15.04 -16.37 -1.73
C ILE G 29 -16.06 -17.49 -1.68
N THR G 30 -15.72 -18.55 -0.95
CA THR G 30 -16.61 -19.66 -0.76
C THR G 30 -17.31 -19.51 0.58
N ILE G 31 -18.63 -19.59 0.54
CA ILE G 31 -19.48 -19.36 1.72
C ILE G 31 -20.47 -20.50 1.88
N ASP G 32 -20.54 -21.08 3.05
CA ASP G 32 -21.61 -22.06 3.45
C ASP G 32 -22.95 -21.65 2.83
N SER G 33 -23.55 -22.54 2.04
CA SER G 33 -24.74 -22.14 1.29
C SER G 33 -25.94 -21.79 2.15
N GLU G 34 -25.97 -22.28 3.39
CA GLU G 34 -27.04 -21.91 4.31
C GLU G 34 -26.89 -20.47 4.78
N ILE G 35 -25.64 -20.02 4.95
CA ILE G 35 -25.38 -18.64 5.33
C ILE G 35 -25.74 -17.74 4.14
N MSE G 36 -25.39 -18.15 2.93
CA MSE G 36 -25.80 -17.43 1.72
C MSE G 36 -27.34 -17.27 1.64
O MSE G 36 -27.84 -16.18 1.34
CB MSE G 36 -25.31 -18.14 0.44
CG MSE G 36 -23.85 -18.19 0.30
SE MSE G 36 -23.27 -19.30 -1.16
CE MSE G 36 -24.35 -18.57 -2.58
N LYS G 37 -28.06 -18.34 1.94
CA LYS G 37 -29.52 -18.29 1.88
C LYS G 37 -30.08 -17.28 2.89
N GLN G 38 -29.56 -17.33 4.11
CA GLN G 38 -29.93 -16.39 5.16
C GLN G 38 -29.71 -14.95 4.72
N ALA G 39 -28.63 -14.73 3.97
CA ALA G 39 -28.29 -13.37 3.49
C ALA G 39 -28.90 -12.98 2.14
N ASN G 40 -29.67 -13.89 1.51
CA ASN G 40 -30.19 -13.67 0.18
CA ASN G 40 -30.18 -13.70 0.16
C ASN G 40 -29.07 -13.37 -0.84
N ILE G 41 -27.93 -14.03 -0.70
CA ILE G 41 -26.86 -13.94 -1.67
C ILE G 41 -26.90 -15.20 -2.54
N ILE G 42 -26.84 -15.03 -3.84
CA ILE G 42 -26.85 -16.19 -4.77
C ILE G 42 -25.45 -16.54 -5.30
N GLU G 43 -25.31 -17.77 -5.81
CA GLU G 43 -24.05 -18.18 -6.38
C GLU G 43 -23.68 -17.23 -7.54
N ASN G 44 -22.39 -16.87 -7.58
CA ASN G 44 -21.81 -15.99 -8.60
C ASN G 44 -22.17 -14.53 -8.45
N GLU G 45 -22.85 -14.17 -7.36
CA GLU G 45 -23.08 -12.75 -7.04
C GLU G 45 -21.80 -12.03 -6.65
N LYS G 46 -21.71 -10.77 -7.08
CA LYS G 46 -20.61 -9.91 -6.72
C LYS G 46 -20.82 -9.41 -5.28
N VAL G 47 -19.78 -9.47 -4.46
CA VAL G 47 -19.82 -9.02 -3.09
C VAL G 47 -18.55 -8.22 -2.74
N GLN G 48 -18.70 -7.30 -1.80
CA GLN G 48 -17.57 -6.64 -1.17
C GLN G 48 -17.20 -7.43 0.07
N VAL G 49 -15.92 -7.68 0.27
CA VAL G 49 -15.43 -8.40 1.41
C VAL G 49 -14.46 -7.49 2.11
N VAL G 50 -14.74 -7.21 3.37
CA VAL G 50 -13.91 -6.34 4.18
C VAL G 50 -13.46 -7.06 5.45
N ASN G 51 -12.23 -6.82 5.84
CA ASN G 51 -11.52 -7.64 6.85
C ASN G 51 -11.22 -6.82 8.11
N LEU G 52 -11.75 -7.26 9.25
CA LEU G 52 -11.58 -6.54 10.52
CA LEU G 52 -11.57 -6.50 10.49
C LEU G 52 -10.15 -6.60 11.04
N ASN G 53 -9.41 -7.64 10.70
CA ASN G 53 -8.05 -7.81 11.25
C ASN G 53 -7.05 -6.92 10.54
N ASN G 54 -7.10 -6.90 9.21
CA ASN G 54 -6.09 -6.22 8.44
C ASN G 54 -6.59 -5.00 7.69
N GLY G 55 -7.89 -4.73 7.70
CA GLY G 55 -8.47 -3.62 6.99
C GLY G 55 -8.65 -3.74 5.47
N GLU G 56 -8.30 -4.91 4.90
CA GLU G 56 -8.36 -5.07 3.45
C GLU G 56 -9.79 -5.01 2.97
N ARG G 57 -9.97 -4.42 1.80
CA ARG G 57 -11.29 -4.27 1.16
C ARG G 57 -11.15 -4.75 -0.28
N LEU G 58 -12.03 -5.66 -0.69
CA LEU G 58 -11.95 -6.19 -2.05
C LEU G 58 -13.33 -6.56 -2.56
N GLU G 59 -13.44 -6.70 -3.86
CA GLU G 59 -14.65 -7.17 -4.47
C GLU G 59 -14.36 -8.47 -5.20
N THR G 60 -15.31 -9.40 -5.13
CA THR G 60 -15.17 -10.71 -5.79
C THR G 60 -16.53 -11.35 -5.94
N TYR G 61 -16.60 -12.59 -6.36
CA TYR G 61 -17.89 -13.26 -6.52
C TYR G 61 -17.93 -14.47 -5.55
N VAL G 62 -19.15 -14.93 -5.34
CA VAL G 62 -19.47 -15.99 -4.36
C VAL G 62 -19.55 -17.36 -5.00
N ILE G 63 -18.90 -18.28 -4.33
CA ILE G 63 -18.94 -19.72 -4.64
C ILE G 63 -19.69 -20.40 -3.50
N LYS G 64 -20.57 -21.35 -3.80
CA LYS G 64 -21.27 -22.08 -2.72
C LYS G 64 -20.37 -23.07 -1.99
N GLY G 65 -20.38 -22.97 -0.68
CA GLY G 65 -19.79 -23.92 0.21
C GLY G 65 -20.85 -24.91 0.69
N GLU G 66 -20.40 -25.97 1.33
CA GLU G 66 -21.32 -27.00 1.80
C GLU G 66 -22.25 -26.46 2.86
N PRO G 67 -23.55 -26.81 2.78
CA PRO G 67 -24.49 -26.32 3.79
C PRO G 67 -24.12 -26.79 5.17
N ASN G 68 -24.14 -25.87 6.13
CA ASN G 68 -23.88 -26.12 7.51
C ASN G 68 -22.43 -26.44 7.85
N SER G 69 -21.54 -26.21 6.89
CA SER G 69 -20.12 -26.37 7.09
C SER G 69 -19.46 -25.23 7.88
N LYS G 70 -20.12 -24.07 7.85
CA LYS G 70 -19.56 -22.78 8.30
C LYS G 70 -18.32 -22.33 7.49
N THR G 71 -18.09 -22.94 6.34
CA THR G 71 -16.98 -22.54 5.49
C THR G 71 -17.02 -21.09 5.11
N ILE G 72 -15.88 -20.41 5.26
CA ILE G 72 -15.63 -19.05 4.71
C ILE G 72 -14.19 -19.09 4.21
N ALA G 73 -14.04 -19.26 2.89
CA ALA G 73 -12.72 -19.47 2.31
C ALA G 73 -12.45 -18.47 1.20
N LEU G 74 -11.27 -17.91 1.24
CA LEU G 74 -10.83 -16.98 0.19
CA LEU G 74 -10.83 -16.98 0.18
C LEU G 74 -9.85 -17.71 -0.73
N ASN G 75 -10.20 -17.76 -2.00
CA ASN G 75 -9.52 -18.51 -3.03
C ASN G 75 -8.91 -17.57 -4.07
N GLY G 76 -7.94 -18.06 -4.81
CA GLY G 76 -7.32 -17.21 -5.84
C GLY G 76 -6.53 -16.08 -5.22
N PRO G 77 -6.33 -14.98 -5.97
CA PRO G 77 -5.53 -13.89 -5.47
C PRO G 77 -6.06 -13.29 -4.15
N ALA G 78 -7.35 -13.38 -3.89
CA ALA G 78 -7.91 -12.93 -2.62
C ALA G 78 -7.28 -13.60 -1.41
N ALA G 79 -6.76 -14.82 -1.57
CA ALA G 79 -6.06 -15.50 -0.49
C ALA G 79 -4.91 -14.72 0.06
N ARG G 80 -4.26 -13.90 -0.78
CA ARG G 80 -3.17 -13.06 -0.31
C ARG G 80 -3.62 -11.94 0.61
N ARG G 81 -4.91 -11.69 0.71
CA ARG G 81 -5.40 -10.53 1.49
C ARG G 81 -6.06 -10.93 2.80
N CYS G 82 -5.88 -12.18 3.25
CA CYS G 82 -6.42 -12.62 4.52
C CYS G 82 -5.54 -13.72 5.14
N GLU G 83 -5.83 -14.03 6.40
CA GLU G 83 -5.31 -15.23 7.04
C GLU G 83 -6.46 -15.96 7.73
N ILE G 84 -6.25 -17.28 7.91
CA ILE G 84 -7.23 -18.06 8.67
C ILE G 84 -7.45 -17.43 10.04
N GLY G 85 -8.72 -17.37 10.47
CA GLY G 85 -9.14 -16.73 11.70
C GLY G 85 -9.56 -15.28 11.60
N ASP G 86 -9.28 -14.64 10.47
CA ASP G 86 -9.67 -13.26 10.29
C ASP G 86 -11.19 -13.15 10.26
N GLN G 87 -11.70 -12.06 10.79
CA GLN G 87 -13.13 -11.74 10.80
CA GLN G 87 -13.14 -11.81 10.76
C GLN G 87 -13.46 -10.87 9.62
N LEU G 88 -14.47 -11.24 8.87
CA LEU G 88 -14.94 -10.51 7.71
C LEU G 88 -16.37 -10.02 7.83
N PHE G 89 -16.63 -8.92 7.12
CA PHE G 89 -18.00 -8.58 6.73
C PHE G 89 -18.10 -8.79 5.22
N ILE G 90 -19.23 -9.31 4.77
CA ILE G 90 -19.50 -9.63 3.37
C ILE G 90 -20.77 -8.91 3.00
N ILE G 91 -20.68 -8.02 2.01
CA ILE G 91 -21.70 -7.06 1.65
C ILE G 91 -22.13 -7.19 0.21
N SER G 92 -23.44 -7.14 -0.05
CA SER G 92 -23.99 -7.13 -1.41
CA SER G 92 -23.89 -7.06 -1.43
C SER G 92 -24.85 -5.89 -1.58
N TYR G 93 -24.82 -5.31 -2.79
CA TYR G 93 -25.58 -4.11 -3.14
C TYR G 93 -26.55 -4.43 -4.25
N THR G 94 -27.58 -3.61 -4.35
CA THR G 94 -28.53 -3.67 -5.46
C THR G 94 -28.77 -2.25 -5.99
N GLN G 95 -29.02 -2.14 -7.28
CA GLN G 95 -29.33 -0.87 -7.92
C GLN G 95 -30.84 -0.78 -8.04
N VAL G 96 -31.37 0.30 -7.51
CA VAL G 96 -32.81 0.51 -7.45
C VAL G 96 -33.20 1.93 -7.86
N ASP G 97 -34.46 2.07 -8.28
CA ASP G 97 -35.02 3.37 -8.54
C ASP G 97 -35.46 3.91 -7.19
N PRO G 98 -34.82 4.99 -6.73
CA PRO G 98 -35.12 5.47 -5.40
C PRO G 98 -36.52 6.10 -5.28
N THR G 99 -37.29 6.16 -6.37
CA THR G 99 -38.71 6.59 -6.26
C THR G 99 -39.64 5.43 -5.90
N ARG G 100 -39.15 4.20 -6.03
CA ARG G 100 -39.81 3.04 -5.43
C ARG G 100 -39.47 2.96 -3.94
N GLU G 101 -40.24 2.20 -3.16
CA GLU G 101 -40.01 2.07 -1.71
C GLU G 101 -38.70 1.33 -1.41
N ASN G 102 -38.21 1.50 -0.18
CA ASN G 102 -36.86 1.08 0.17
C ASN G 102 -36.63 -0.43 0.22
N ILE G 103 -35.39 -0.82 -0.03
CA ILE G 103 -34.91 -2.19 0.18
C ILE G 103 -34.56 -2.31 1.66
N LYS G 104 -35.19 -3.25 2.37
CA LYS G 104 -34.79 -3.55 3.75
C LYS G 104 -33.69 -4.59 3.68
N PRO G 105 -32.46 -4.21 4.07
CA PRO G 105 -31.38 -5.18 3.92
C PRO G 105 -31.52 -6.41 4.79
N LYS G 106 -31.07 -7.55 4.27
CA LYS G 106 -31.02 -8.79 5.05
C LYS G 106 -29.71 -8.82 5.78
N LEU G 107 -29.77 -8.81 7.11
CA LEU G 107 -28.57 -8.79 7.97
C LEU G 107 -28.39 -10.10 8.71
N VAL G 108 -27.21 -10.69 8.58
CA VAL G 108 -26.89 -11.97 9.21
C VAL G 108 -25.68 -11.74 10.10
N ASP G 109 -25.85 -11.86 11.40
CA ASP G 109 -24.77 -11.65 12.36
C ASP G 109 -24.35 -13.00 12.90
N LEU G 110 -23.14 -13.41 12.56
CA LEU G 110 -22.65 -14.72 12.91
C LEU G 110 -21.93 -14.74 14.25
N LYS G 111 -21.75 -13.60 14.90
CA LYS G 111 -20.90 -13.58 16.11
C LYS G 111 -21.58 -14.38 17.22
N MSE H 4 -28.67 -8.87 -20.22
CA MSE H 4 -27.40 -8.39 -19.59
C MSE H 4 -27.17 -6.89 -19.83
O MSE H 4 -27.47 -6.37 -20.91
CB MSE H 4 -26.19 -9.17 -20.15
CG MSE H 4 -26.09 -10.65 -19.73
SE MSE H 4 -24.32 -11.40 -20.11
CE MSE H 4 -24.69 -13.31 -19.82
N LEU H 5 -26.74 -6.18 -18.78
CA LEU H 5 -26.12 -4.86 -18.94
C LEU H 5 -24.69 -5.07 -18.54
N ILE H 6 -23.76 -4.62 -19.38
CA ILE H 6 -22.36 -4.66 -19.03
C ILE H 6 -21.75 -3.28 -19.20
N SER H 7 -20.64 -3.05 -18.51
CA SER H 7 -19.87 -1.83 -18.68
C SER H 7 -18.87 -1.96 -19.81
N VAL H 8 -18.82 -0.93 -20.65
CA VAL H 8 -17.91 -0.85 -21.76
C VAL H 8 -17.32 0.54 -21.77
N LEU H 9 -16.12 0.62 -22.34
CA LEU H 9 -15.46 1.94 -22.50
C LEU H 9 -16.30 2.86 -23.38
N LYS H 10 -16.49 4.08 -22.88
CA LYS H 10 -17.15 5.18 -23.61
C LYS H 10 -16.17 6.21 -24.13
N SER H 11 -15.20 6.62 -23.29
CA SER H 11 -14.31 7.76 -23.53
C SER H 11 -12.98 7.45 -22.89
N LYS H 12 -11.90 7.85 -23.53
CA LYS H 12 -10.56 7.81 -22.93
C LYS H 12 -9.77 9.02 -23.36
N ILE H 13 -9.23 9.75 -22.39
CA ILE H 13 -8.26 10.76 -22.61
C ILE H 13 -6.90 10.26 -22.20
N SER H 14 -5.96 10.22 -23.13
CA SER H 14 -4.62 9.73 -22.88
C SER H 14 -3.57 10.79 -22.86
N TYR H 15 -2.65 10.68 -21.91
CA TYR H 15 -1.50 11.55 -21.72
C TYR H 15 -1.90 12.97 -21.34
N ALA H 16 -2.89 13.06 -20.45
CA ALA H 16 -3.24 14.30 -19.80
C ALA H 16 -2.20 14.60 -18.74
N THR H 17 -1.56 15.76 -18.78
CA THR H 17 -0.48 16.06 -17.85
C THR H 17 -1.06 16.93 -16.72
N VAL H 18 -0.79 16.55 -15.49
CA VAL H 18 -1.29 17.29 -14.31
C VAL H 18 -0.65 18.66 -14.28
N THR H 19 -1.47 19.69 -14.23
CA THR H 19 -1.03 21.07 -14.13
C THR H 19 -1.17 21.70 -12.77
N GLY H 20 -2.02 21.12 -11.94
CA GLY H 20 -2.27 21.68 -10.62
C GLY H 20 -2.85 20.67 -9.67
N LYS H 21 -2.78 20.97 -8.38
CA LYS H 21 -3.42 20.12 -7.37
C LYS H 21 -3.83 20.99 -6.19
N ASP H 22 -4.97 20.68 -5.60
CA ASP H 22 -5.58 21.50 -4.54
C ASP H 22 -6.25 20.59 -3.52
N LEU H 23 -5.51 20.20 -2.49
CA LEU H 23 -6.05 19.31 -1.46
C LEU H 23 -7.27 19.94 -0.78
N PHE H 24 -7.16 21.21 -0.43
CA PHE H 24 -8.24 21.87 0.34
C PHE H 24 -9.22 22.59 -0.57
N TYR H 25 -9.83 21.78 -1.43
CA TYR H 25 -10.69 22.28 -2.49
C TYR H 25 -12.01 22.81 -1.92
N VAL H 26 -12.39 24.00 -2.38
CA VAL H 26 -13.66 24.61 -2.01
C VAL H 26 -14.52 24.84 -3.27
N SER H 28 -11.80 16.15 -6.62
CA SER H 28 -12.32 15.68 -7.92
C SER H 28 -11.24 15.96 -8.98
N ILE H 29 -11.58 15.89 -10.25
CA ILE H 29 -10.60 16.20 -11.31
C ILE H 29 -11.16 17.28 -12.18
N THR H 30 -10.40 18.39 -12.32
CA THR H 30 -10.80 19.46 -13.18
C THR H 30 -10.12 19.34 -14.50
N ILE H 31 -10.89 19.36 -15.57
CA ILE H 31 -10.40 19.14 -16.95
C ILE H 31 -10.91 20.26 -17.86
N ASP H 32 -10.01 20.89 -18.59
CA ASP H 32 -10.34 21.79 -19.71
C ASP H 32 -11.60 21.34 -20.44
N SER H 33 -12.60 22.21 -20.50
CA SER H 33 -13.90 21.83 -21.00
C SER H 33 -13.89 21.46 -22.49
N GLU H 34 -12.90 21.96 -23.23
CA GLU H 34 -12.71 21.57 -24.65
C GLU H 34 -12.22 20.14 -24.78
N ILE H 35 -11.35 19.71 -23.86
CA ILE H 35 -10.89 18.32 -23.84
C ILE H 35 -12.07 17.43 -23.44
N MSE H 36 -12.88 17.85 -22.48
CA MSE H 36 -14.05 17.08 -22.07
C MSE H 36 -15.00 16.92 -23.25
O MSE H 36 -15.55 15.81 -23.47
CB MSE H 36 -14.81 17.79 -20.94
CG MSE H 36 -14.12 17.84 -19.64
SE MSE H 36 -14.98 19.00 -18.35
CE MSE H 36 -16.79 18.29 -18.47
N LYS H 37 -15.19 17.99 -24.01
CA LYS H 37 -16.09 17.95 -25.15
C LYS H 37 -15.59 16.93 -26.18
N GLN H 38 -14.30 16.95 -26.47
CA GLN H 38 -13.70 15.99 -27.38
C GLN H 38 -13.90 14.55 -26.96
N ALA H 39 -13.90 14.31 -25.65
CA ALA H 39 -13.99 12.97 -25.10
C ALA H 39 -15.43 12.56 -24.78
N ASN H 40 -16.38 13.46 -25.04
CA ASN H 40 -17.79 13.22 -24.71
CA ASN H 40 -17.80 13.24 -24.71
C ASN H 40 -17.99 12.92 -23.22
N ILE H 41 -17.29 13.66 -22.38
CA ILE H 41 -17.41 13.54 -20.94
C ILE H 41 -18.09 14.78 -20.43
N ILE H 42 -19.14 14.60 -19.62
CA ILE H 42 -19.89 15.76 -19.10
C ILE H 42 -19.50 16.13 -17.68
N GLU H 43 -19.81 17.36 -17.29
CA GLU H 43 -19.61 17.78 -15.94
C GLU H 43 -20.32 16.84 -14.97
N ASN H 44 -19.60 16.51 -13.87
CA ASN H 44 -20.08 15.64 -12.81
C ASN H 44 -20.12 14.16 -13.18
N GLU H 45 -19.65 13.80 -14.35
CA GLU H 45 -19.53 12.39 -14.74
C GLU H 45 -18.47 11.67 -13.90
N LYS H 46 -18.74 10.41 -13.54
CA LYS H 46 -17.77 9.57 -12.86
C LYS H 46 -16.72 9.07 -13.88
N VAL H 47 -15.45 9.19 -13.50
CA VAL H 47 -14.33 8.75 -14.29
C VAL H 47 -13.32 7.98 -13.46
N GLN H 48 -12.63 7.06 -14.15
CA GLN H 48 -11.43 6.41 -13.59
C GLN H 48 -10.22 7.21 -14.03
N VAL H 49 -9.33 7.49 -13.09
CA VAL H 49 -8.10 8.22 -13.35
C VAL H 49 -6.94 7.35 -12.96
N VAL H 50 -6.07 7.09 -13.92
CA VAL H 50 -4.91 6.22 -13.72
C VAL H 50 -3.63 6.98 -14.11
N ASN H 51 -2.61 6.76 -13.34
CA ASN H 51 -1.40 7.60 -13.35
C ASN H 51 -0.18 6.79 -13.81
N LEU H 52 0.39 7.21 -14.93
CA LEU H 52 1.52 6.48 -15.51
CA LEU H 52 1.54 6.54 -15.53
C LEU H 52 2.80 6.62 -14.68
N ASN H 53 2.93 7.68 -13.87
CA ASN H 53 4.14 7.89 -13.11
C ASN H 53 4.18 7.01 -11.90
N ASN H 54 3.07 6.98 -11.18
CA ASN H 54 3.04 6.32 -9.88
C ASN H 54 2.16 5.11 -9.79
N GLY H 55 1.42 4.79 -10.85
CA GLY H 55 0.55 3.65 -10.88
C GLY H 55 -0.78 3.76 -10.14
N GLU H 56 -1.06 4.90 -9.52
CA GLU H 56 -2.29 5.05 -8.75
C GLU H 56 -3.50 4.99 -9.65
N ARG H 57 -4.54 4.37 -9.10
CA ARG H 57 -5.83 4.18 -9.81
C ARG H 57 -6.93 4.64 -8.87
N LEU H 58 -7.78 5.57 -9.34
CA LEU H 58 -8.84 6.10 -8.48
C LEU H 58 -10.06 6.41 -9.33
N GLU H 59 -11.19 6.52 -8.67
CA GLU H 59 -12.41 6.98 -9.29
C GLU H 59 -12.88 8.26 -8.64
N THR H 60 -13.37 9.18 -9.47
CA THR H 60 -13.82 10.50 -8.98
C THR H 60 -14.76 11.09 -10.03
N TYR H 61 -15.17 12.32 -9.84
CA TYR H 61 -16.04 12.99 -10.79
C TYR H 61 -15.32 14.21 -11.40
N VAL H 62 -15.85 14.65 -12.52
CA VAL H 62 -15.26 15.68 -13.36
C VAL H 62 -15.89 17.06 -13.09
N ILE H 63 -14.98 18.03 -12.93
CA ILE H 63 -15.31 19.47 -12.81
C ILE H 63 -14.81 20.14 -14.09
N LYS H 64 -15.61 21.05 -14.65
CA LYS H 64 -15.13 21.80 -15.83
C LYS H 64 -14.01 22.79 -15.53
N GLY H 65 -12.95 22.70 -16.31
CA GLY H 65 -11.89 23.69 -16.36
C GLY H 65 -12.14 24.66 -17.51
N GLU H 66 -11.39 25.75 -17.54
CA GLU H 66 -11.59 26.76 -18.56
C GLU H 66 -11.25 26.24 -19.95
N PRO H 67 -12.05 26.60 -20.95
CA PRO H 67 -11.80 26.08 -22.30
C PRO H 67 -10.43 26.52 -22.79
N ASN H 68 -9.72 25.59 -23.37
CA ASN H 68 -8.39 25.82 -23.95
C ASN H 68 -7.28 26.17 -22.95
N SER H 69 -7.53 25.97 -21.65
CA SER H 69 -6.54 26.16 -20.61
C SER H 69 -5.52 25.04 -20.52
N LYS H 70 -5.90 23.88 -21.02
CA LYS H 70 -5.20 22.60 -20.84
C LYS H 70 -5.16 22.15 -19.38
N THR H 71 -5.97 22.74 -18.51
CA THR H 71 -6.00 22.36 -17.11
C THR H 71 -6.34 20.91 -16.94
N ILE H 72 -5.50 20.24 -16.12
CA ILE H 72 -5.77 18.91 -15.56
C ILE H 72 -5.33 19.01 -14.09
N ALA H 73 -6.30 19.09 -13.19
CA ALA H 73 -5.98 19.35 -11.78
C ALA H 73 -6.73 18.36 -10.91
N LEU H 74 -6.02 17.79 -9.96
CA LEU H 74 -6.63 16.87 -9.01
CA LEU H 74 -6.61 16.87 -9.00
C LEU H 74 -6.83 17.59 -7.68
N ASN H 75 -8.07 17.58 -7.20
CA ASN H 75 -8.55 18.36 -6.09
C ASN H 75 -8.98 17.45 -4.96
N GLY H 76 -8.98 17.93 -3.73
CA GLY H 76 -9.44 17.07 -2.64
C GLY H 76 -8.44 15.98 -2.34
N PRO H 77 -8.90 14.88 -1.73
CA PRO H 77 -8.00 13.81 -1.35
C PRO H 77 -7.22 13.21 -2.53
N ALA H 78 -7.77 13.31 -3.75
CA ALA H 78 -7.06 12.87 -4.95
C ALA H 78 -5.72 13.55 -5.13
N ALA H 79 -5.58 14.79 -4.64
CA ALA H 79 -4.33 15.51 -4.67
C ALA H 79 -3.18 14.77 -4.04
N ARG H 80 -3.44 13.93 -3.04
CA ARG H 80 -2.40 13.10 -2.40
C ARG H 80 -1.89 11.98 -3.30
N ARG H 81 -2.55 11.72 -4.40
CA ARG H 81 -2.27 10.56 -5.24
C ARG H 81 -1.59 10.97 -6.53
N CYS H 82 -1.11 12.21 -6.63
CA CYS H 82 -0.40 12.64 -7.85
C CYS H 82 0.58 13.77 -7.51
N GLU H 83 1.40 14.09 -8.47
CA GLU H 83 2.22 15.30 -8.47
C GLU H 83 2.11 16.01 -9.78
N ILE H 84 2.34 17.33 -9.75
CA ILE H 84 2.32 18.13 -10.99
C ILE H 84 3.34 17.52 -11.97
N GLY H 85 2.93 17.44 -13.22
CA GLY H 85 3.73 16.84 -14.30
C GLY H 85 3.43 15.38 -14.58
N ASP H 86 2.74 14.70 -13.65
CA ASP H 86 2.36 13.31 -13.87
C ASP H 86 1.47 13.17 -15.11
N GLN H 87 1.64 12.06 -15.81
CA GLN H 87 0.80 11.76 -16.97
CA GLN H 87 0.80 11.76 -16.96
C GLN H 87 -0.34 10.83 -16.55
N LEU H 88 -1.55 11.19 -16.96
CA LEU H 88 -2.77 10.45 -16.65
C LEU H 88 -3.48 9.92 -17.89
N PHE H 89 -4.17 8.82 -17.69
CA PHE H 89 -5.28 8.45 -18.55
C PHE H 89 -6.57 8.63 -17.75
N ILE H 90 -7.62 9.10 -18.42
CA ILE H 90 -8.89 9.42 -17.81
C ILE H 90 -9.92 8.66 -18.62
N ILE H 91 -10.66 7.79 -17.96
CA ILE H 91 -11.53 6.78 -18.60
C ILE H 91 -12.95 6.91 -18.11
N SER H 92 -13.91 6.87 -19.05
CA SER H 92 -15.30 6.74 -18.62
CA SER H 92 -15.33 6.83 -18.73
C SER H 92 -15.97 5.56 -19.31
N TYR H 93 -16.90 4.98 -18.55
CA TYR H 93 -17.60 3.76 -18.96
C TYR H 93 -19.07 4.06 -19.13
N THR H 94 -19.75 3.17 -19.86
CA THR H 94 -21.20 3.22 -20.00
C THR H 94 -21.73 1.81 -19.86
N GLN H 95 -22.93 1.67 -19.30
CA GLN H 95 -23.57 0.36 -19.17
C GLN H 95 -24.55 0.19 -20.31
N VAL H 96 -24.39 -0.89 -21.06
CA VAL H 96 -25.15 -1.15 -22.27
C VAL H 96 -25.60 -2.62 -22.33
N ASP H 97 -26.65 -2.87 -23.11
CA ASP H 97 -26.96 -4.24 -23.50
C ASP H 97 -25.96 -4.70 -24.57
N PRO H 98 -25.16 -5.73 -24.27
CA PRO H 98 -24.08 -6.08 -25.17
C PRO H 98 -24.50 -6.77 -26.48
N THR H 99 -25.78 -7.08 -26.63
CA THR H 99 -26.29 -7.69 -27.88
C THR H 99 -26.74 -6.64 -28.88
N ARG H 100 -26.90 -5.39 -28.43
CA ARG H 100 -27.20 -4.27 -29.32
C ARG H 100 -25.91 -3.69 -29.93
N GLU H 101 -26.06 -2.74 -30.86
CA GLU H 101 -24.93 -2.12 -31.55
C GLU H 101 -23.88 -1.62 -30.56
N ASN H 102 -22.62 -1.99 -30.80
CA ASN H 102 -21.55 -1.65 -29.88
C ASN H 102 -21.29 -0.14 -29.79
N ILE H 103 -20.69 0.27 -28.67
CA ILE H 103 -20.24 1.63 -28.45
C ILE H 103 -18.84 1.77 -29.06
N LYS H 104 -18.68 2.72 -29.98
CA LYS H 104 -17.35 3.08 -30.48
C LYS H 104 -16.77 4.12 -29.50
N PRO H 105 -15.70 3.77 -28.76
CA PRO H 105 -15.24 4.76 -27.81
C PRO H 105 -14.62 5.98 -28.46
N LYS H 106 -14.79 7.12 -27.77
CA LYS H 106 -14.18 8.38 -28.17
C LYS H 106 -12.82 8.44 -27.53
N LEU H 107 -11.78 8.45 -28.34
CA LEU H 107 -10.39 8.46 -27.89
C LEU H 107 -9.75 9.79 -28.20
N VAL H 108 -9.20 10.43 -27.17
CA VAL H 108 -8.51 11.71 -27.28
C VAL H 108 -7.07 11.49 -26.81
N ASP H 109 -6.10 11.63 -27.69
CA ASP H 109 -4.67 11.45 -27.36
C ASP H 109 -4.04 12.84 -27.32
N LEU H 110 -3.61 13.23 -26.14
CA LEU H 110 -3.06 14.57 -25.90
C LEU H 110 -1.53 14.61 -26.03
N LYS H 111 -0.88 13.50 -26.36
CA LYS H 111 0.59 13.47 -26.33
C LYS H 111 1.18 14.27 -27.48
CL CL I . 5.43 7.28 15.48
CL CL J . 7.54 -11.10 11.82
C1 GOL K . 22.32 -3.53 7.69
O1 GOL K . 22.69 -2.16 7.69
C2 GOL K . 21.53 -3.89 8.94
O2 GOL K . 21.81 -5.23 9.23
C3 GOL K . 21.93 -3.00 10.12
O3 GOL K . 21.32 -3.43 11.32
CL CL L . 15.83 -6.89 -4.52
CL CL M . 13.75 11.51 -0.89
C1 GOL N . 19.57 4.07 11.02
O1 GOL N . 18.39 4.75 10.67
C2 GOL N . 20.12 4.72 12.28
O2 GOL N . 20.10 6.13 12.08
C3 GOL N . 19.29 4.41 13.52
O3 GOL N . 18.98 3.03 13.67
CL CL O . -11.05 13.20 -4.25
C1 GOL P . -21.60 3.31 -9.04
O1 GOL P . -21.25 4.67 -9.23
C2 GOL P . -21.26 2.88 -7.63
O2 GOL P . -21.86 1.61 -7.39
C3 GOL P . -21.73 3.91 -6.65
O3 GOL P . -23.13 3.93 -6.65
C1 GOL Q . -17.94 3.74 -13.67
O1 GOL Q . -18.84 4.54 -14.38
C2 GOL Q . -18.75 2.57 -13.16
O2 GOL Q . -19.93 3.04 -12.52
C3 GOL Q . -19.08 1.72 -14.37
O3 GOL Q . -18.00 0.89 -14.70
CL CL R . -9.67 -13.30 -6.28
CL CL S . -16.36 -1.32 6.56
C1 GOL T . -18.61 -2.22 -12.90
O1 GOL T . -19.32 -1.35 -13.76
C2 GOL T . -18.92 -3.64 -13.32
O2 GOL T . -18.30 -4.03 -14.52
C3 GOL T . -18.55 -4.59 -12.22
O3 GOL T . -19.74 -5.02 -11.59
C1 GOL U . -21.23 -3.56 -8.66
O1 GOL U . -21.91 -3.25 -9.87
C2 GOL U . -22.19 -3.46 -7.48
O2 GOL U . -22.40 -4.70 -6.86
C3 GOL U . -21.68 -2.52 -6.42
O3 GOL U . -22.66 -1.53 -6.18
CL CL V . -4.34 1.18 -17.09
#